data_1AGO
# 
_entry.id   1AGO 
# 
_audit_conform.dict_name       mmcif_pdbx.dic 
_audit_conform.dict_version    5.392 
_audit_conform.dict_location   http://mmcif.pdb.org/dictionaries/ascii/mmcif_pdbx.dic 
# 
loop_
_database_2.database_id 
_database_2.database_code 
_database_2.pdbx_database_accession 
_database_2.pdbx_DOI 
PDB   1AGO         pdb_00001ago 10.2210/pdb1ago/pdb 
WWPDB D_1000170793 ?            ?                   
# 
loop_
_pdbx_audit_revision_history.ordinal 
_pdbx_audit_revision_history.data_content_type 
_pdbx_audit_revision_history.major_revision 
_pdbx_audit_revision_history.minor_revision 
_pdbx_audit_revision_history.revision_date 
1 'Structure model' 1 0 1997-08-20 
2 'Structure model' 1 1 2008-03-24 
3 'Structure model' 1 2 2011-07-13 
4 'Structure model' 2 0 2022-02-16 
5 'Structure model' 2 1 2024-05-22 
# 
_pdbx_audit_revision_details.ordinal             1 
_pdbx_audit_revision_details.revision_ordinal    1 
_pdbx_audit_revision_details.data_content_type   'Structure model' 
_pdbx_audit_revision_details.provider            repository 
_pdbx_audit_revision_details.type                'Initial release' 
_pdbx_audit_revision_details.description         ? 
_pdbx_audit_revision_details.details             ? 
# 
loop_
_pdbx_audit_revision_group.ordinal 
_pdbx_audit_revision_group.revision_ordinal 
_pdbx_audit_revision_group.data_content_type 
_pdbx_audit_revision_group.group 
1 2 'Structure model' 'Version format compliance' 
2 3 'Structure model' 'Version format compliance' 
3 4 'Structure model' 'Data collection'           
4 4 'Structure model' 'Database references'       
5 4 'Structure model' 'Derived calculations'      
6 4 'Structure model' Other                       
7 4 'Structure model' 'Polymer sequence'          
8 5 'Structure model' 'Data collection'           
# 
loop_
_pdbx_audit_revision_category.ordinal 
_pdbx_audit_revision_category.revision_ordinal 
_pdbx_audit_revision_category.data_content_type 
_pdbx_audit_revision_category.category 
1 4 'Structure model' database_2            
2 4 'Structure model' entity_poly           
3 4 'Structure model' pdbx_database_status  
4 4 'Structure model' pdbx_nmr_software     
5 4 'Structure model' pdbx_struct_assembly  
6 4 'Structure model' pdbx_struct_oper_list 
7 4 'Structure model' struct_conn           
8 5 'Structure model' chem_comp_atom        
9 5 'Structure model' chem_comp_bond        
# 
loop_
_pdbx_audit_revision_item.ordinal 
_pdbx_audit_revision_item.revision_ordinal 
_pdbx_audit_revision_item.data_content_type 
_pdbx_audit_revision_item.item 
1  4 'Structure model' '_database_2.pdbx_DOI'                      
2  4 'Structure model' '_database_2.pdbx_database_accession'       
3  4 'Structure model' '_entity_poly.pdbx_seq_one_letter_code'     
4  4 'Structure model' '_entity_poly.pdbx_seq_one_letter_code_can' 
5  4 'Structure model' '_pdbx_database_status.process_site'        
6  4 'Structure model' '_pdbx_nmr_software.name'                   
7  4 'Structure model' '_struct_conn.pdbx_leaving_atom_flag'       
8  4 'Structure model' '_struct_conn.ptnr1_auth_comp_id'           
9  4 'Structure model' '_struct_conn.ptnr1_auth_seq_id'            
10 4 'Structure model' '_struct_conn.ptnr1_label_atom_id'          
11 4 'Structure model' '_struct_conn.ptnr1_label_comp_id'          
12 4 'Structure model' '_struct_conn.ptnr1_label_seq_id'           
13 4 'Structure model' '_struct_conn.ptnr2_auth_comp_id'           
14 4 'Structure model' '_struct_conn.ptnr2_auth_seq_id'            
15 4 'Structure model' '_struct_conn.ptnr2_label_atom_id'          
16 4 'Structure model' '_struct_conn.ptnr2_label_comp_id'          
17 4 'Structure model' '_struct_conn.ptnr2_label_seq_id'           
# 
_pdbx_database_status.status_code                     REL 
_pdbx_database_status.entry_id                        1AGO 
_pdbx_database_status.recvd_initial_deposition_date   1997-03-25 
_pdbx_database_status.deposit_site                    ? 
_pdbx_database_status.process_site                    BNL 
_pdbx_database_status.SG_entry                        . 
_pdbx_database_status.pdb_format_compatible           Y 
_pdbx_database_status.status_code_mr                  ? 
_pdbx_database_status.status_code_sf                  ? 
_pdbx_database_status.status_code_cs                  ? 
_pdbx_database_status.status_code_nmr_data            ? 
_pdbx_database_status.methods_development_category    ? 
# 
loop_
_pdbx_database_related.db_name 
_pdbx_database_related.db_id 
_pdbx_database_related.details 
_pdbx_database_related.content_type 
PDB 1AGK 'MINIMIZED AVERAGE STRUCTURE' unspecified 
PDB 1AGZ 'MINIMIZED AVERAGE STRUCTURE' unspecified 
# 
loop_
_audit_author.name 
_audit_author.pdbx_ordinal 
'Feng, B.'    1 
'Stone, M.P.' 2 
# 
loop_
_citation.id 
_citation.title 
_citation.journal_abbrev 
_citation.journal_volume 
_citation.page_first 
_citation.page_last 
_citation.year 
_citation.journal_id_ASTM 
_citation.country 
_citation.journal_id_ISSN 
_citation.journal_id_CSD 
_citation.book_publisher 
_citation.pdbx_database_id_PubMed 
_citation.pdbx_database_id_DOI 
primary 
;Major groove (S)-alpha-(N6-adenyl)styrene oxide adducts in an oligodeoxynucleotide containing the human N-ras codon 61 sequence: conformations of the S(61,2) and S(61,3) sequence isomers from 1H NMR.
;
Biochemistry      35 7316 7329 1996 BICHAW US 0006-2960 0033 ? 8652508 10.1021/bi952526f 
1       
;Solution Structure of an Oligodeoxynucleotide Containing the Human N-Ras Codon 61 Sequence Refined from 1H NMR Using Molecular Dynamics Restrained by Nuclear Overhauser Effects
;
Chem.Res.Toxicol. 8  821  ?    1995 CRTOEC US 0893-228X 2140 ? ?       ?                 
# 
loop_
_citation_author.citation_id 
_citation_author.name 
_citation_author.ordinal 
_citation_author.identifier_ORCID 
primary 'Feng, B.'       1 ? 
primary 'Voehler, M.'    2 ? 
primary 'Zhou, L.'       3 ? 
primary 'Passarelli, M.' 4 ? 
primary 'Harris, C.M.'   5 ? 
primary 'Harris, T.M.'   6 ? 
primary 'Stone, M.P.'    7 ? 
1       'Feng, B.'       8 ? 
1       'Stone, M.P.'    9 ? 
# 
loop_
_entity.id 
_entity.type 
_entity.src_method 
_entity.pdbx_description 
_entity.formula_weight 
_entity.pdbx_number_of_molecules 
_entity.pdbx_ec 
_entity.pdbx_mutation 
_entity.pdbx_fragment 
_entity.details 
1 polymer syn 
;DNA (5'-D(*CP*GP*GP*AP*CP*AP*YP*GP*AP*AP*G)-3')
;
3536.411 1 ? ? ? '(S)-(N6-ADENYL)-STYRENE OXIDE-RAS61-3 DNA ADDUCT' 
2 polymer syn 
;DNA (5'-D(*CP*TP*TP*CP*TP*TP*GP*TP*CP*CP*G)-3')
;
3291.145 1 ? ? ? '(S)-(N6-ADENYL)-STYRENE OXIDE-RAS61-3 DNA ADDUCT' 
# 
loop_
_entity_poly.entity_id 
_entity_poly.type 
_entity_poly.nstd_linkage 
_entity_poly.nstd_monomer 
_entity_poly.pdbx_seq_one_letter_code 
_entity_poly.pdbx_seq_one_letter_code_can 
_entity_poly.pdbx_strand_id 
_entity_poly.pdbx_target_identifier 
1 polydeoxyribonucleotide no yes '(DC)(DG)(DG)(DA)(DC)(DA)(Y)(DG)(DA)(DA)(DG)'  CGGACAAGAAG A ? 
2 polydeoxyribonucleotide no no  '(DC)(DT)(DT)(DC)(DT)(DT)(DG)(DT)(DC)(DC)(DG)' CTTCTTGTCCG B ? 
# 
loop_
_entity_poly_seq.entity_id 
_entity_poly_seq.num 
_entity_poly_seq.mon_id 
_entity_poly_seq.hetero 
1 1  DC n 
1 2  DG n 
1 3  DG n 
1 4  DA n 
1 5  DC n 
1 6  DA n 
1 7  Y  n 
1 8  DG n 
1 9  DA n 
1 10 DA n 
1 11 DG n 
2 1  DC n 
2 2  DT n 
2 3  DT n 
2 4  DC n 
2 5  DT n 
2 6  DT n 
2 7  DG n 
2 8  DT n 
2 9  DC n 
2 10 DC n 
2 11 DG n 
# 
loop_
_chem_comp.id 
_chem_comp.type 
_chem_comp.mon_nstd_flag 
_chem_comp.name 
_chem_comp.pdbx_synonyms 
_chem_comp.formula 
_chem_comp.formula_weight 
DA 'DNA linking' y "2'-DEOXYADENOSINE-5'-MONOPHOSPHATE"                   ? 'C10 H14 N5 O6 P' 331.222 
DC 'DNA linking' y "2'-DEOXYCYTIDINE-5'-MONOPHOSPHATE"                    ? 'C9 H14 N3 O7 P'  307.197 
DG 'DNA linking' y "2'-DEOXYGUANOSINE-5'-MONOPHOSPHATE"                   ? 'C10 H14 N5 O7 P' 347.221 
DT 'DNA linking' y "THYMIDINE-5'-MONOPHOSPHATE"                           ? 'C10 H15 N2 O8 P' 322.208 
Y  'DNA linking' n 
;2'-DEOXY-N6-(S)STYRENE OXIDE ADENOSINE MONOPHOSPHATE
;
? 'C18 H22 N5 O7 P' 451.370 
# 
loop_
_pdbx_poly_seq_scheme.asym_id 
_pdbx_poly_seq_scheme.entity_id 
_pdbx_poly_seq_scheme.seq_id 
_pdbx_poly_seq_scheme.mon_id 
_pdbx_poly_seq_scheme.ndb_seq_num 
_pdbx_poly_seq_scheme.pdb_seq_num 
_pdbx_poly_seq_scheme.auth_seq_num 
_pdbx_poly_seq_scheme.pdb_mon_id 
_pdbx_poly_seq_scheme.auth_mon_id 
_pdbx_poly_seq_scheme.pdb_strand_id 
_pdbx_poly_seq_scheme.pdb_ins_code 
_pdbx_poly_seq_scheme.hetero 
A 1 1  DC 1  1  1  DC C A . n 
A 1 2  DG 2  2  2  DG G A . n 
A 1 3  DG 3  3  3  DG G A . n 
A 1 4  DA 4  4  4  DA A A . n 
A 1 5  DC 5  5  5  DC C A . n 
A 1 6  DA 6  6  6  DA A A . n 
A 1 7  Y  7  7  7  Y  Y A . n 
A 1 8  DG 8  8  8  DG G A . n 
A 1 9  DA 9  9  9  DA A A . n 
A 1 10 DA 10 10 10 DA A A . n 
A 1 11 DG 11 11 11 DG G A . n 
B 2 1  DC 1  12 12 DC C B . n 
B 2 2  DT 2  13 13 DT T B . n 
B 2 3  DT 3  14 14 DT T B . n 
B 2 4  DC 4  15 15 DC C B . n 
B 2 5  DT 5  16 16 DT T B . n 
B 2 6  DT 6  17 17 DT T B . n 
B 2 7  DG 7  18 18 DG G B . n 
B 2 8  DT 8  19 19 DT T B . n 
B 2 9  DC 9  20 20 DC C B . n 
B 2 10 DC 10 21 21 DC C B . n 
B 2 11 DG 11 22 22 DG G B . n 
# 
loop_
_software.name 
_software.classification 
_software.version 
_software.citation_id 
_software.pdbx_ordinal 
X-PLOR 'model building' 3.1 ? 1 
X-PLOR refinement       3.1 ? 2 
X-PLOR phasing          3.1 ? 3 
# 
_cell.entry_id           1AGO 
_cell.length_a           1.000 
_cell.length_b           1.000 
_cell.length_c           1.000 
_cell.angle_alpha        90.00 
_cell.angle_beta         90.00 
_cell.angle_gamma        90.00 
_cell.Z_PDB              1 
_cell.pdbx_unique_axis   ? 
# 
_symmetry.entry_id                         1AGO 
_symmetry.space_group_name_H-M             'P 1' 
_symmetry.pdbx_full_space_group_name_H-M   ? 
_symmetry.cell_setting                     ? 
_symmetry.Int_Tables_number                1 
# 
_exptl.entry_id          1AGO 
_exptl.method            'SOLUTION NMR' 
_exptl.crystals_number   ? 
# 
_struct.entry_id                  1AGO 
_struct.title                     
;THE SOLUTION NMR STRUCTURE OF AN (S)-A-(N6-ADENYL)-STYRENE OXIDE-RAS61 OLIGODEOXYNUCLEOTIDE MODIFIED AT THE THIRD POSITION OF THE CODON 61 REGION, MINIMIZED AVERAGE STRUCTURE
;
_struct.pdbx_model_details        ? 
_struct.pdbx_CASP_flag            ? 
_struct.pdbx_model_type_details   ? 
# 
_struct_keywords.entry_id        1AGO 
_struct_keywords.pdbx_keywords   DNA 
_struct_keywords.text            
;DNA DUPLEX, B-DNA, HUMAN N-RAS GENE, CODON 61 SEQUENCE, S-STYRENE OXIDE ADDUCT, N6-ADENINE ADDUCT, MAJOR GROOVE ADDUCT, DEOXYRIBONUCLEIC ACID, DNA
;
# 
loop_
_struct_asym.id 
_struct_asym.pdbx_blank_PDB_chainid_flag 
_struct_asym.pdbx_modified 
_struct_asym.entity_id 
_struct_asym.details 
A N N 1 ? 
B N N 2 ? 
# 
loop_
_struct_ref.id 
_struct_ref.entity_id 
_struct_ref.db_name 
_struct_ref.db_code 
_struct_ref.pdbx_db_accession 
_struct_ref.pdbx_db_isoform 
_struct_ref.pdbx_seq_one_letter_code 
_struct_ref.pdbx_align_begin 
1 1 PDB 1AGO 1AGO ? ? ? 
2 2 PDB 1AGO 1AGO ? ? ? 
# 
loop_
_struct_ref_seq.align_id 
_struct_ref_seq.ref_id 
_struct_ref_seq.pdbx_PDB_id_code 
_struct_ref_seq.pdbx_strand_id 
_struct_ref_seq.seq_align_beg 
_struct_ref_seq.pdbx_seq_align_beg_ins_code 
_struct_ref_seq.seq_align_end 
_struct_ref_seq.pdbx_seq_align_end_ins_code 
_struct_ref_seq.pdbx_db_accession 
_struct_ref_seq.db_align_beg 
_struct_ref_seq.pdbx_db_align_beg_ins_code 
_struct_ref_seq.db_align_end 
_struct_ref_seq.pdbx_db_align_end_ins_code 
_struct_ref_seq.pdbx_auth_seq_align_beg 
_struct_ref_seq.pdbx_auth_seq_align_end 
1 1 1AGO A 1 ? 11 ? 1AGO 1  ? 11 ? 1  11 
2 2 1AGO B 1 ? 11 ? 1AGO 12 ? 22 ? 12 22 
# 
_pdbx_struct_assembly.id                   1 
_pdbx_struct_assembly.details              author_defined_assembly 
_pdbx_struct_assembly.method_details       ? 
_pdbx_struct_assembly.oligomeric_details   dimeric 
_pdbx_struct_assembly.oligomeric_count     2 
# 
_pdbx_struct_assembly_gen.assembly_id       1 
_pdbx_struct_assembly_gen.oper_expression   1 
_pdbx_struct_assembly_gen.asym_id_list      A,B 
# 
_pdbx_struct_oper_list.id                   1 
_pdbx_struct_oper_list.type                 'identity operation' 
_pdbx_struct_oper_list.name                 1_555 
_pdbx_struct_oper_list.symmetry_operation   x,y,z 
_pdbx_struct_oper_list.matrix[1][1]         1.0000000000 
_pdbx_struct_oper_list.matrix[1][2]         0.0000000000 
_pdbx_struct_oper_list.matrix[1][3]         0.0000000000 
_pdbx_struct_oper_list.vector[1]            0.0000000000 
_pdbx_struct_oper_list.matrix[2][1]         0.0000000000 
_pdbx_struct_oper_list.matrix[2][2]         1.0000000000 
_pdbx_struct_oper_list.matrix[2][3]         0.0000000000 
_pdbx_struct_oper_list.vector[2]            0.0000000000 
_pdbx_struct_oper_list.matrix[3][1]         0.0000000000 
_pdbx_struct_oper_list.matrix[3][2]         0.0000000000 
_pdbx_struct_oper_list.matrix[3][3]         1.0000000000 
_pdbx_struct_oper_list.vector[3]            0.0000000000 
# 
_struct_biol.id   1 
# 
loop_
_struct_conn.id 
_struct_conn.conn_type_id 
_struct_conn.pdbx_leaving_atom_flag 
_struct_conn.pdbx_PDB_id 
_struct_conn.ptnr1_label_asym_id 
_struct_conn.ptnr1_label_comp_id 
_struct_conn.ptnr1_label_seq_id 
_struct_conn.ptnr1_label_atom_id 
_struct_conn.pdbx_ptnr1_label_alt_id 
_struct_conn.pdbx_ptnr1_PDB_ins_code 
_struct_conn.pdbx_ptnr1_standard_comp_id 
_struct_conn.ptnr1_symmetry 
_struct_conn.ptnr2_label_asym_id 
_struct_conn.ptnr2_label_comp_id 
_struct_conn.ptnr2_label_seq_id 
_struct_conn.ptnr2_label_atom_id 
_struct_conn.pdbx_ptnr2_label_alt_id 
_struct_conn.pdbx_ptnr2_PDB_ins_code 
_struct_conn.ptnr1_auth_asym_id 
_struct_conn.ptnr1_auth_comp_id 
_struct_conn.ptnr1_auth_seq_id 
_struct_conn.ptnr2_auth_asym_id 
_struct_conn.ptnr2_auth_comp_id 
_struct_conn.ptnr2_auth_seq_id 
_struct_conn.ptnr2_symmetry 
_struct_conn.pdbx_ptnr3_label_atom_id 
_struct_conn.pdbx_ptnr3_label_seq_id 
_struct_conn.pdbx_ptnr3_label_comp_id 
_struct_conn.pdbx_ptnr3_label_asym_id 
_struct_conn.pdbx_ptnr3_label_alt_id 
_struct_conn.pdbx_ptnr3_PDB_ins_code 
_struct_conn.details 
_struct_conn.pdbx_dist_value 
_struct_conn.pdbx_value_order 
_struct_conn.pdbx_role 
covale1  covale both ? A DA 6  "O3'" ? ? ? 1_555 A Y  7  P  ? ? A DA 6  A Y  7  1_555 ? ? ? ? ? ? ?            1.626 ? ? 
covale2  covale both ? A Y  7  "O3'" ? ? ? 1_555 A DG 8  P  ? ? A Y  7  A DG 8  1_555 ? ? ? ? ? ? ?            1.613 ? ? 
hydrog1  hydrog ?    ? A DC 1  N3    ? ? ? 1_555 B DG 11 N1 ? ? A DC 1  B DG 22 1_555 ? ? ? ? ? ? WATSON-CRICK ?     ? ? 
hydrog2  hydrog ?    ? A DC 1  N4    ? ? ? 1_555 B DG 11 O6 ? ? A DC 1  B DG 22 1_555 ? ? ? ? ? ? WATSON-CRICK ?     ? ? 
hydrog3  hydrog ?    ? A DC 1  O2    ? ? ? 1_555 B DG 11 N2 ? ? A DC 1  B DG 22 1_555 ? ? ? ? ? ? WATSON-CRICK ?     ? ? 
hydrog4  hydrog ?    ? A DG 2  N1    ? ? ? 1_555 B DC 10 N3 ? ? A DG 2  B DC 21 1_555 ? ? ? ? ? ? WATSON-CRICK ?     ? ? 
hydrog5  hydrog ?    ? A DG 2  N2    ? ? ? 1_555 B DC 10 O2 ? ? A DG 2  B DC 21 1_555 ? ? ? ? ? ? WATSON-CRICK ?     ? ? 
hydrog6  hydrog ?    ? A DG 2  O6    ? ? ? 1_555 B DC 10 N4 ? ? A DG 2  B DC 21 1_555 ? ? ? ? ? ? WATSON-CRICK ?     ? ? 
hydrog7  hydrog ?    ? A DG 3  N1    ? ? ? 1_555 B DC 9  N3 ? ? A DG 3  B DC 20 1_555 ? ? ? ? ? ? WATSON-CRICK ?     ? ? 
hydrog8  hydrog ?    ? A DG 3  N2    ? ? ? 1_555 B DC 9  O2 ? ? A DG 3  B DC 20 1_555 ? ? ? ? ? ? WATSON-CRICK ?     ? ? 
hydrog9  hydrog ?    ? A DG 3  O6    ? ? ? 1_555 B DC 9  N4 ? ? A DG 3  B DC 20 1_555 ? ? ? ? ? ? WATSON-CRICK ?     ? ? 
hydrog10 hydrog ?    ? A DA 4  N1    ? ? ? 1_555 B DT 8  N3 ? ? A DA 4  B DT 19 1_555 ? ? ? ? ? ? WATSON-CRICK ?     ? ? 
hydrog11 hydrog ?    ? A DA 4  N6    ? ? ? 1_555 B DT 8  O4 ? ? A DA 4  B DT 19 1_555 ? ? ? ? ? ? WATSON-CRICK ?     ? ? 
hydrog12 hydrog ?    ? A DC 5  N3    ? ? ? 1_555 B DG 7  N1 ? ? A DC 5  B DG 18 1_555 ? ? ? ? ? ? WATSON-CRICK ?     ? ? 
hydrog13 hydrog ?    ? A DC 5  N4    ? ? ? 1_555 B DG 7  O6 ? ? A DC 5  B DG 18 1_555 ? ? ? ? ? ? WATSON-CRICK ?     ? ? 
hydrog14 hydrog ?    ? A DC 5  O2    ? ? ? 1_555 B DG 7  N2 ? ? A DC 5  B DG 18 1_555 ? ? ? ? ? ? WATSON-CRICK ?     ? ? 
hydrog15 hydrog ?    ? A DA 6  N1    ? ? ? 1_555 B DT 6  N3 ? ? A DA 6  B DT 17 1_555 ? ? ? ? ? ? WATSON-CRICK ?     ? ? 
hydrog16 hydrog ?    ? A DA 6  N6    ? ? ? 1_555 B DT 6  O4 ? ? A DA 6  B DT 17 1_555 ? ? ? ? ? ? WATSON-CRICK ?     ? ? 
hydrog17 hydrog ?    ? A Y  7  N1    ? ? ? 1_555 B DT 5  N3 ? ? A Y  7  B DT 16 1_555 ? ? ? ? ? ? WATSON-CRICK ?     ? ? 
hydrog18 hydrog ?    ? A Y  7  N6    ? ? ? 1_555 B DT 5  O4 ? ? A Y  7  B DT 16 1_555 ? ? ? ? ? ? WATSON-CRICK ?     ? ? 
hydrog19 hydrog ?    ? A DG 8  N1    ? ? ? 1_555 B DC 4  N3 ? ? A DG 8  B DC 15 1_555 ? ? ? ? ? ? WATSON-CRICK ?     ? ? 
hydrog20 hydrog ?    ? A DG 8  N2    ? ? ? 1_555 B DC 4  O2 ? ? A DG 8  B DC 15 1_555 ? ? ? ? ? ? WATSON-CRICK ?     ? ? 
hydrog21 hydrog ?    ? A DG 8  O6    ? ? ? 1_555 B DC 4  N4 ? ? A DG 8  B DC 15 1_555 ? ? ? ? ? ? WATSON-CRICK ?     ? ? 
hydrog22 hydrog ?    ? A DA 9  N1    ? ? ? 1_555 B DT 3  N3 ? ? A DA 9  B DT 14 1_555 ? ? ? ? ? ? WATSON-CRICK ?     ? ? 
hydrog23 hydrog ?    ? A DA 9  N6    ? ? ? 1_555 B DT 3  O4 ? ? A DA 9  B DT 14 1_555 ? ? ? ? ? ? WATSON-CRICK ?     ? ? 
hydrog24 hydrog ?    ? A DA 10 N1    ? ? ? 1_555 B DT 2  N3 ? ? A DA 10 B DT 13 1_555 ? ? ? ? ? ? WATSON-CRICK ?     ? ? 
hydrog25 hydrog ?    ? A DA 10 N6    ? ? ? 1_555 B DT 2  O4 ? ? A DA 10 B DT 13 1_555 ? ? ? ? ? ? WATSON-CRICK ?     ? ? 
hydrog26 hydrog ?    ? A DG 11 N1    ? ? ? 1_555 B DC 1  N3 ? ? A DG 11 B DC 12 1_555 ? ? ? ? ? ? WATSON-CRICK ?     ? ? 
hydrog27 hydrog ?    ? A DG 11 N2    ? ? ? 1_555 B DC 1  O2 ? ? A DG 11 B DC 12 1_555 ? ? ? ? ? ? WATSON-CRICK ?     ? ? 
hydrog28 hydrog ?    ? A DG 11 O6    ? ? ? 1_555 B DC 1  N4 ? ? A DG 11 B DC 12 1_555 ? ? ? ? ? ? WATSON-CRICK ?     ? ? 
# 
loop_
_struct_conn_type.id 
_struct_conn_type.criteria 
_struct_conn_type.reference 
covale ? ? 
hydrog ? ? 
# 
loop_
_pdbx_validate_rmsd_angle.id 
_pdbx_validate_rmsd_angle.PDB_model_num 
_pdbx_validate_rmsd_angle.auth_atom_id_1 
_pdbx_validate_rmsd_angle.auth_asym_id_1 
_pdbx_validate_rmsd_angle.auth_comp_id_1 
_pdbx_validate_rmsd_angle.auth_seq_id_1 
_pdbx_validate_rmsd_angle.PDB_ins_code_1 
_pdbx_validate_rmsd_angle.label_alt_id_1 
_pdbx_validate_rmsd_angle.auth_atom_id_2 
_pdbx_validate_rmsd_angle.auth_asym_id_2 
_pdbx_validate_rmsd_angle.auth_comp_id_2 
_pdbx_validate_rmsd_angle.auth_seq_id_2 
_pdbx_validate_rmsd_angle.PDB_ins_code_2 
_pdbx_validate_rmsd_angle.label_alt_id_2 
_pdbx_validate_rmsd_angle.auth_atom_id_3 
_pdbx_validate_rmsd_angle.auth_asym_id_3 
_pdbx_validate_rmsd_angle.auth_comp_id_3 
_pdbx_validate_rmsd_angle.auth_seq_id_3 
_pdbx_validate_rmsd_angle.PDB_ins_code_3 
_pdbx_validate_rmsd_angle.label_alt_id_3 
_pdbx_validate_rmsd_angle.angle_value 
_pdbx_validate_rmsd_angle.angle_target_value 
_pdbx_validate_rmsd_angle.angle_deviation 
_pdbx_validate_rmsd_angle.angle_standard_deviation 
_pdbx_validate_rmsd_angle.linker_flag 
1  1 "O4'" A DC 1  ? ? "C1'" A DC 1  ? ? N1    A DC 1  ? ? 110.77 108.30 2.47   0.30 N 
2  1 "O4'" A DG 2  ? ? "C1'" A DG 2  ? ? N9    A DG 2  ? ? 110.93 108.30 2.63   0.30 N 
3  1 N7    A DG 2  ? ? C8    A DG 2  ? ? N9    A DG 2  ? ? 117.59 113.10 4.49   0.50 N 
4  1 C8    A DG 2  ? ? N9    A DG 2  ? ? C4    A DG 2  ? ? 103.66 106.40 -2.74  0.40 N 
5  1 "O4'" A DG 3  ? ? "C1'" A DG 3  ? ? N9    A DG 3  ? ? 111.09 108.30 2.79   0.30 N 
6  1 N7    A DG 3  ? ? C8    A DG 3  ? ? N9    A DG 3  ? ? 117.64 113.10 4.54   0.50 N 
7  1 C8    A DG 3  ? ? N9    A DG 3  ? ? C4    A DG 3  ? ? 103.65 106.40 -2.75  0.40 N 
8  1 "O4'" A DA 4  ? ? "C1'" A DA 4  ? ? N9    A DA 4  ? ? 111.33 108.30 3.03   0.30 N 
9  1 N7    A DA 4  ? ? C8    A DA 4  ? ? N9    A DA 4  ? ? 117.43 113.80 3.63   0.50 N 
10 1 "O4'" A DC 5  ? ? "C1'" A DC 5  ? ? N1    A DC 5  ? ? 111.69 108.30 3.39   0.30 N 
11 1 "O3'" A DC 5  ? ? P     A DA 6  ? ? "O5'" A DA 6  ? ? 67.09  104.00 -36.91 1.90 Y 
12 1 "O3'" A DC 5  ? ? P     A DA 6  ? ? OP2   A DA 6  ? ? 89.35  105.20 -15.85 2.20 Y 
13 1 "O3'" A DC 5  ? ? P     A DA 6  ? ? OP1   A DA 6  ? ? 136.00 110.50 25.50  1.10 Y 
14 1 OP1   A DA 6  ? ? P     A DA 6  ? ? OP2   A DA 6  ? ? 102.27 119.60 -17.33 1.50 N 
15 1 "O5'" A DA 6  ? ? P     A DA 6  ? ? OP1   A DA 6  ? ? 72.31  105.70 -33.39 0.90 N 
16 1 "O5'" A DA 6  ? ? P     A DA 6  ? ? OP2   A DA 6  ? ? 127.09 110.70 16.39  1.20 N 
17 1 N7    A DA 6  ? ? C8    A DA 6  ? ? N9    A DA 6  ? ? 117.63 113.80 3.83   0.50 N 
18 1 "O4'" A DG 8  ? ? "C1'" A DG 8  ? ? N9    A DG 8  ? ? 111.19 108.30 2.89   0.30 N 
19 1 N7    A DG 8  ? ? C8    A DG 8  ? ? N9    A DG 8  ? ? 117.57 113.10 4.47   0.50 N 
20 1 C8    A DG 8  ? ? N9    A DG 8  ? ? C4    A DG 8  ? ? 103.55 106.40 -2.85  0.40 N 
21 1 "O4'" A DA 9  ? ? "C1'" A DA 9  ? ? N9    A DA 9  ? ? 110.55 108.30 2.25   0.30 N 
22 1 N7    A DA 9  ? ? C8    A DA 9  ? ? N9    A DA 9  ? ? 117.46 113.80 3.66   0.50 N 
23 1 "O4'" A DA 10 ? ? "C1'" A DA 10 ? ? N9    A DA 10 ? ? 110.64 108.30 2.34   0.30 N 
24 1 N7    A DA 10 ? ? C8    A DA 10 ? ? N9    A DA 10 ? ? 117.47 113.80 3.67   0.50 N 
25 1 C8    A DA 10 ? ? N9    A DA 10 ? ? C4    A DA 10 ? ? 103.27 105.80 -2.53  0.40 N 
26 1 "O4'" A DG 11 ? ? "C1'" A DG 11 ? ? N9    A DG 11 ? ? 110.52 108.30 2.22   0.30 N 
27 1 N7    A DG 11 ? ? C8    A DG 11 ? ? N9    A DG 11 ? ? 117.63 113.10 4.53   0.50 N 
28 1 C8    A DG 11 ? ? N9    A DG 11 ? ? C4    A DG 11 ? ? 103.60 106.40 -2.80  0.40 N 
29 1 "O4'" B DC 12 ? ? "C1'" B DC 12 ? ? N1    B DC 12 ? ? 112.88 108.30 4.58   0.30 N 
30 1 "O3'" B DC 12 ? ? P     B DT 13 ? ? "O5'" B DT 13 ? ? 65.92  104.00 -38.08 1.90 Y 
31 1 "O3'" B DC 12 ? ? P     B DT 13 ? ? OP2   B DT 13 ? ? 72.11  105.20 -33.09 2.20 Y 
32 1 "O3'" B DC 12 ? ? P     B DT 13 ? ? OP1   B DT 13 ? ? 121.43 110.50 10.93  1.10 Y 
33 1 OP1   B DT 13 ? ? P     B DT 13 ? ? OP2   B DT 13 ? ? 105.95 119.60 -13.65 1.50 N 
34 1 "O5'" B DT 13 ? ? P     B DT 13 ? ? OP1   B DT 13 ? ? 90.22  105.70 -15.48 0.90 N 
35 1 "O5'" B DT 13 ? ? P     B DT 13 ? ? OP2   B DT 13 ? ? 137.40 110.70 26.70  1.20 N 
36 1 "O4'" B DT 13 ? ? "C1'" B DT 13 ? ? N1    B DT 13 ? ? 110.73 108.30 2.43   0.30 N 
37 1 "O4'" B DT 14 ? ? "C1'" B DT 14 ? ? N1    B DT 14 ? ? 111.29 108.30 2.99   0.30 N 
38 1 "O4'" B DC 15 ? ? "C1'" B DC 15 ? ? N1    B DC 15 ? ? 110.86 108.30 2.56   0.30 N 
39 1 "O4'" B DT 16 ? ? "C1'" B DT 16 ? ? N1    B DT 16 ? ? 111.42 108.30 3.12   0.30 N 
40 1 "O4'" B DT 17 ? ? "C1'" B DT 17 ? ? N1    B DT 17 ? ? 111.23 108.30 2.93   0.30 N 
41 1 "O4'" B DG 18 ? ? "C1'" B DG 18 ? ? N9    B DG 18 ? ? 110.91 108.30 2.61   0.30 N 
42 1 N7    B DG 18 ? ? C8    B DG 18 ? ? N9    B DG 18 ? ? 117.52 113.10 4.42   0.50 N 
43 1 C8    B DG 18 ? ? N9    B DG 18 ? ? C4    B DG 18 ? ? 103.89 106.40 -2.51  0.40 N 
44 1 "O4'" B DT 19 ? ? "C1'" B DT 19 ? ? N1    B DT 19 ? ? 110.97 108.30 2.67   0.30 N 
45 1 "O4'" B DC 20 ? ? "C1'" B DC 20 ? ? N1    B DC 20 ? ? 110.47 108.30 2.17   0.30 N 
46 1 "O4'" B DC 21 ? ? "C1'" B DC 21 ? ? N1    B DC 21 ? ? 111.02 108.30 2.72   0.30 N 
47 1 "O4'" B DG 22 ? ? "C1'" B DG 22 ? ? N9    B DG 22 ? ? 110.46 108.30 2.16   0.30 N 
48 1 N7    B DG 22 ? ? C8    B DG 22 ? ? N9    B DG 22 ? ? 117.56 113.10 4.46   0.50 N 
49 1 C8    B DG 22 ? ? N9    B DG 22 ? ? C4    B DG 22 ? ? 103.72 106.40 -2.68  0.40 N 
# 
_pdbx_struct_mod_residue.id               1 
_pdbx_struct_mod_residue.label_asym_id    A 
_pdbx_struct_mod_residue.label_comp_id    Y 
_pdbx_struct_mod_residue.label_seq_id     7 
_pdbx_struct_mod_residue.auth_asym_id     A 
_pdbx_struct_mod_residue.auth_comp_id     Y 
_pdbx_struct_mod_residue.auth_seq_id      7 
_pdbx_struct_mod_residue.PDB_ins_code     ? 
_pdbx_struct_mod_residue.parent_comp_id   DA 
_pdbx_struct_mod_residue.details          ? 
# 
_pdbx_nmr_ensemble.entry_id                             1AGO 
_pdbx_nmr_ensemble.conformers_calculated_total_number   1 
_pdbx_nmr_ensemble.conformers_submitted_total_number    1 
_pdbx_nmr_ensemble.conformer_selection_criteria         
'THIS STRUCTURE PROVIDED THE BEST-FIT FOR THE NOE DATA BASED ON THE RELAXATION MATRIX ANALYSIS USING CORMA.' 
# 
_pdbx_nmr_exptl_sample_conditions.conditions_id       1 
_pdbx_nmr_exptl_sample_conditions.temperature         293 
_pdbx_nmr_exptl_sample_conditions.pressure            ? 
_pdbx_nmr_exptl_sample_conditions.pH                  6.9 
_pdbx_nmr_exptl_sample_conditions.ionic_strength      ? 
_pdbx_nmr_exptl_sample_conditions.pressure_units      . 
_pdbx_nmr_exptl_sample_conditions.temperature_units   K 
# 
loop_
_pdbx_nmr_exptl.experiment_id 
_pdbx_nmr_exptl.conditions_id 
_pdbx_nmr_exptl.type 
_pdbx_nmr_exptl.solution_id 
1 1 NOESY       1 
2 1 2QF-COSY    1 
3 1 'AND TOCSY' 1 
4 1 ': NOESY'   1 
5 1 2QF-COSY    1 
6 1 'AND(DO'    1 
7 1 "05'-D"     1 
# 
_pdbx_nmr_refine.entry_id           1AGO 
_pdbx_nmr_refine.method             'NOE-RESTRAINED MOLECULAR DYNAMICS/SIMULATED ANNEALING' 
_pdbx_nmr_refine.details            'REFINEMENT DETAILS CAN BE FOUND IN THE JRNL CITATION ABOVE.' 
_pdbx_nmr_refine.software_ordinal   1 
# 
loop_
_pdbx_nmr_software.classification 
_pdbx_nmr_software.name 
_pdbx_nmr_software.version 
_pdbx_nmr_software.authors 
_pdbx_nmr_software.ordinal 
refinement           X-PLOR    3.1 BRUNGER 1 
'structure solution' Felix     ?   ?       2 
'structure solution' X-PLOR    ?   ?       3 
'structure solution' MARDIGRAS ?   ?       4 
'structure solution' CORMA     ?   ?       5 
# 
loop_
_chem_comp_atom.comp_id 
_chem_comp_atom.atom_id 
_chem_comp_atom.type_symbol 
_chem_comp_atom.pdbx_aromatic_flag 
_chem_comp_atom.pdbx_stereo_config 
_chem_comp_atom.pdbx_ordinal 
DA OP3    O N N 1   
DA P      P N N 2   
DA OP1    O N N 3   
DA OP2    O N N 4   
DA "O5'"  O N N 5   
DA "C5'"  C N N 6   
DA "C4'"  C N R 7   
DA "O4'"  O N N 8   
DA "C3'"  C N S 9   
DA "O3'"  O N N 10  
DA "C2'"  C N N 11  
DA "C1'"  C N R 12  
DA N9     N Y N 13  
DA C8     C Y N 14  
DA N7     N Y N 15  
DA C5     C Y N 16  
DA C6     C Y N 17  
DA N6     N N N 18  
DA N1     N Y N 19  
DA C2     C Y N 20  
DA N3     N Y N 21  
DA C4     C Y N 22  
DA HOP3   H N N 23  
DA HOP2   H N N 24  
DA "H5'"  H N N 25  
DA "H5''" H N N 26  
DA "H4'"  H N N 27  
DA "H3'"  H N N 28  
DA "HO3'" H N N 29  
DA "H2'"  H N N 30  
DA "H2''" H N N 31  
DA "H1'"  H N N 32  
DA H8     H N N 33  
DA H61    H N N 34  
DA H62    H N N 35  
DA H2     H N N 36  
DC OP3    O N N 37  
DC P      P N N 38  
DC OP1    O N N 39  
DC OP2    O N N 40  
DC "O5'"  O N N 41  
DC "C5'"  C N N 42  
DC "C4'"  C N R 43  
DC "O4'"  O N N 44  
DC "C3'"  C N S 45  
DC "O3'"  O N N 46  
DC "C2'"  C N N 47  
DC "C1'"  C N R 48  
DC N1     N N N 49  
DC C2     C N N 50  
DC O2     O N N 51  
DC N3     N N N 52  
DC C4     C N N 53  
DC N4     N N N 54  
DC C5     C N N 55  
DC C6     C N N 56  
DC HOP3   H N N 57  
DC HOP2   H N N 58  
DC "H5'"  H N N 59  
DC "H5''" H N N 60  
DC "H4'"  H N N 61  
DC "H3'"  H N N 62  
DC "HO3'" H N N 63  
DC "H2'"  H N N 64  
DC "H2''" H N N 65  
DC "H1'"  H N N 66  
DC H41    H N N 67  
DC H42    H N N 68  
DC H5     H N N 69  
DC H6     H N N 70  
DG OP3    O N N 71  
DG P      P N N 72  
DG OP1    O N N 73  
DG OP2    O N N 74  
DG "O5'"  O N N 75  
DG "C5'"  C N N 76  
DG "C4'"  C N R 77  
DG "O4'"  O N N 78  
DG "C3'"  C N S 79  
DG "O3'"  O N N 80  
DG "C2'"  C N N 81  
DG "C1'"  C N R 82  
DG N9     N Y N 83  
DG C8     C Y N 84  
DG N7     N Y N 85  
DG C5     C Y N 86  
DG C6     C N N 87  
DG O6     O N N 88  
DG N1     N N N 89  
DG C2     C N N 90  
DG N2     N N N 91  
DG N3     N N N 92  
DG C4     C Y N 93  
DG HOP3   H N N 94  
DG HOP2   H N N 95  
DG "H5'"  H N N 96  
DG "H5''" H N N 97  
DG "H4'"  H N N 98  
DG "H3'"  H N N 99  
DG "HO3'" H N N 100 
DG "H2'"  H N N 101 
DG "H2''" H N N 102 
DG "H1'"  H N N 103 
DG H8     H N N 104 
DG H1     H N N 105 
DG H21    H N N 106 
DG H22    H N N 107 
DT OP3    O N N 108 
DT P      P N N 109 
DT OP1    O N N 110 
DT OP2    O N N 111 
DT "O5'"  O N N 112 
DT "C5'"  C N N 113 
DT "C4'"  C N R 114 
DT "O4'"  O N N 115 
DT "C3'"  C N S 116 
DT "O3'"  O N N 117 
DT "C2'"  C N N 118 
DT "C1'"  C N R 119 
DT N1     N N N 120 
DT C2     C N N 121 
DT O2     O N N 122 
DT N3     N N N 123 
DT C4     C N N 124 
DT O4     O N N 125 
DT C5     C N N 126 
DT C7     C N N 127 
DT C6     C N N 128 
DT HOP3   H N N 129 
DT HOP2   H N N 130 
DT "H5'"  H N N 131 
DT "H5''" H N N 132 
DT "H4'"  H N N 133 
DT "H3'"  H N N 134 
DT "HO3'" H N N 135 
DT "H2'"  H N N 136 
DT "H2''" H N N 137 
DT "H1'"  H N N 138 
DT H3     H N N 139 
DT H71    H N N 140 
DT H72    H N N 141 
DT H73    H N N 142 
DT H6     H N N 143 
Y  P      P N N 144 
Y  OP1    O N N 145 
Y  OP2    O N N 146 
Y  OP3    O N N 147 
Y  "O5'"  O N N 148 
Y  "C5'"  C N N 149 
Y  "C4'"  C N R 150 
Y  "O4'"  O N N 151 
Y  "C3'"  C N S 152 
Y  "O3'"  O N N 153 
Y  "C2'"  C N N 154 
Y  "C1'"  C N R 155 
Y  N9     N Y N 156 
Y  C8     C Y N 157 
Y  N7     N Y N 158 
Y  C5     C Y N 159 
Y  C6     C Y N 160 
Y  N6     N N N 161 
Y  N1     N Y N 162 
Y  C2     C Y N 163 
Y  N3     N Y N 164 
Y  C4     C Y N 165 
Y  CA     C N S 166 
Y  CB     C N N 167 
Y  OB     O N N 168 
Y  CJ     C Y N 169 
Y  CO     C Y N 170 
Y  "CO'"  C Y N 171 
Y  CM     C Y N 172 
Y  "CM'"  C Y N 173 
Y  CP     C Y N 174 
Y  HOP2   H N N 175 
Y  HOP3   H N N 176 
Y  "H5'"  H N N 177 
Y  "H5''" H N N 178 
Y  "H4'"  H N N 179 
Y  "H3'"  H N N 180 
Y  "HO3'" H N N 181 
Y  "H2'"  H N N 182 
Y  "H2''" H N N 183 
Y  "H1'"  H N N 184 
Y  H8     H N N 185 
Y  H6     H N N 186 
Y  H2     H N N 187 
Y  HA     H N N 188 
Y  HB1    H N N 189 
Y  HB2    H N N 190 
Y  HB     H N N 191 
Y  HO     H N N 192 
Y  "HO'"  H N N 193 
Y  HM     H N N 194 
Y  "HM'"  H N N 195 
Y  HP     H N N 196 
# 
loop_
_chem_comp_bond.comp_id 
_chem_comp_bond.atom_id_1 
_chem_comp_bond.atom_id_2 
_chem_comp_bond.value_order 
_chem_comp_bond.pdbx_aromatic_flag 
_chem_comp_bond.pdbx_stereo_config 
_chem_comp_bond.pdbx_ordinal 
DA OP3   P      sing N N 1   
DA OP3   HOP3   sing N N 2   
DA P     OP1    doub N N 3   
DA P     OP2    sing N N 4   
DA P     "O5'"  sing N N 5   
DA OP2   HOP2   sing N N 6   
DA "O5'" "C5'"  sing N N 7   
DA "C5'" "C4'"  sing N N 8   
DA "C5'" "H5'"  sing N N 9   
DA "C5'" "H5''" sing N N 10  
DA "C4'" "O4'"  sing N N 11  
DA "C4'" "C3'"  sing N N 12  
DA "C4'" "H4'"  sing N N 13  
DA "O4'" "C1'"  sing N N 14  
DA "C3'" "O3'"  sing N N 15  
DA "C3'" "C2'"  sing N N 16  
DA "C3'" "H3'"  sing N N 17  
DA "O3'" "HO3'" sing N N 18  
DA "C2'" "C1'"  sing N N 19  
DA "C2'" "H2'"  sing N N 20  
DA "C2'" "H2''" sing N N 21  
DA "C1'" N9     sing N N 22  
DA "C1'" "H1'"  sing N N 23  
DA N9    C8     sing Y N 24  
DA N9    C4     sing Y N 25  
DA C8    N7     doub Y N 26  
DA C8    H8     sing N N 27  
DA N7    C5     sing Y N 28  
DA C5    C6     sing Y N 29  
DA C5    C4     doub Y N 30  
DA C6    N6     sing N N 31  
DA C6    N1     doub Y N 32  
DA N6    H61    sing N N 33  
DA N6    H62    sing N N 34  
DA N1    C2     sing Y N 35  
DA C2    N3     doub Y N 36  
DA C2    H2     sing N N 37  
DA N3    C4     sing Y N 38  
DC OP3   P      sing N N 39  
DC OP3   HOP3   sing N N 40  
DC P     OP1    doub N N 41  
DC P     OP2    sing N N 42  
DC P     "O5'"  sing N N 43  
DC OP2   HOP2   sing N N 44  
DC "O5'" "C5'"  sing N N 45  
DC "C5'" "C4'"  sing N N 46  
DC "C5'" "H5'"  sing N N 47  
DC "C5'" "H5''" sing N N 48  
DC "C4'" "O4'"  sing N N 49  
DC "C4'" "C3'"  sing N N 50  
DC "C4'" "H4'"  sing N N 51  
DC "O4'" "C1'"  sing N N 52  
DC "C3'" "O3'"  sing N N 53  
DC "C3'" "C2'"  sing N N 54  
DC "C3'" "H3'"  sing N N 55  
DC "O3'" "HO3'" sing N N 56  
DC "C2'" "C1'"  sing N N 57  
DC "C2'" "H2'"  sing N N 58  
DC "C2'" "H2''" sing N N 59  
DC "C1'" N1     sing N N 60  
DC "C1'" "H1'"  sing N N 61  
DC N1    C2     sing N N 62  
DC N1    C6     sing N N 63  
DC C2    O2     doub N N 64  
DC C2    N3     sing N N 65  
DC N3    C4     doub N N 66  
DC C4    N4     sing N N 67  
DC C4    C5     sing N N 68  
DC N4    H41    sing N N 69  
DC N4    H42    sing N N 70  
DC C5    C6     doub N N 71  
DC C5    H5     sing N N 72  
DC C6    H6     sing N N 73  
DG OP3   P      sing N N 74  
DG OP3   HOP3   sing N N 75  
DG P     OP1    doub N N 76  
DG P     OP2    sing N N 77  
DG P     "O5'"  sing N N 78  
DG OP2   HOP2   sing N N 79  
DG "O5'" "C5'"  sing N N 80  
DG "C5'" "C4'"  sing N N 81  
DG "C5'" "H5'"  sing N N 82  
DG "C5'" "H5''" sing N N 83  
DG "C4'" "O4'"  sing N N 84  
DG "C4'" "C3'"  sing N N 85  
DG "C4'" "H4'"  sing N N 86  
DG "O4'" "C1'"  sing N N 87  
DG "C3'" "O3'"  sing N N 88  
DG "C3'" "C2'"  sing N N 89  
DG "C3'" "H3'"  sing N N 90  
DG "O3'" "HO3'" sing N N 91  
DG "C2'" "C1'"  sing N N 92  
DG "C2'" "H2'"  sing N N 93  
DG "C2'" "H2''" sing N N 94  
DG "C1'" N9     sing N N 95  
DG "C1'" "H1'"  sing N N 96  
DG N9    C8     sing Y N 97  
DG N9    C4     sing Y N 98  
DG C8    N7     doub Y N 99  
DG C8    H8     sing N N 100 
DG N7    C5     sing Y N 101 
DG C5    C6     sing N N 102 
DG C5    C4     doub Y N 103 
DG C6    O6     doub N N 104 
DG C6    N1     sing N N 105 
DG N1    C2     sing N N 106 
DG N1    H1     sing N N 107 
DG C2    N2     sing N N 108 
DG C2    N3     doub N N 109 
DG N2    H21    sing N N 110 
DG N2    H22    sing N N 111 
DG N3    C4     sing N N 112 
DT OP3   P      sing N N 113 
DT OP3   HOP3   sing N N 114 
DT P     OP1    doub N N 115 
DT P     OP2    sing N N 116 
DT P     "O5'"  sing N N 117 
DT OP2   HOP2   sing N N 118 
DT "O5'" "C5'"  sing N N 119 
DT "C5'" "C4'"  sing N N 120 
DT "C5'" "H5'"  sing N N 121 
DT "C5'" "H5''" sing N N 122 
DT "C4'" "O4'"  sing N N 123 
DT "C4'" "C3'"  sing N N 124 
DT "C4'" "H4'"  sing N N 125 
DT "O4'" "C1'"  sing N N 126 
DT "C3'" "O3'"  sing N N 127 
DT "C3'" "C2'"  sing N N 128 
DT "C3'" "H3'"  sing N N 129 
DT "O3'" "HO3'" sing N N 130 
DT "C2'" "C1'"  sing N N 131 
DT "C2'" "H2'"  sing N N 132 
DT "C2'" "H2''" sing N N 133 
DT "C1'" N1     sing N N 134 
DT "C1'" "H1'"  sing N N 135 
DT N1    C2     sing N N 136 
DT N1    C6     sing N N 137 
DT C2    O2     doub N N 138 
DT C2    N3     sing N N 139 
DT N3    C4     sing N N 140 
DT N3    H3     sing N N 141 
DT C4    O4     doub N N 142 
DT C4    C5     sing N N 143 
DT C5    C7     sing N N 144 
DT C5    C6     doub N N 145 
DT C7    H71    sing N N 146 
DT C7    H72    sing N N 147 
DT C7    H73    sing N N 148 
DT C6    H6     sing N N 149 
Y  P     OP1    doub N N 150 
Y  P     OP2    sing N N 151 
Y  P     OP3    sing N N 152 
Y  P     "O5'"  sing N N 153 
Y  OP2   HOP2   sing N N 154 
Y  OP3   HOP3   sing N N 155 
Y  "O5'" "C5'"  sing N N 156 
Y  "C5'" "C4'"  sing N N 157 
Y  "C5'" "H5'"  sing N N 158 
Y  "C5'" "H5''" sing N N 159 
Y  "C4'" "O4'"  sing N N 160 
Y  "C4'" "C3'"  sing N N 161 
Y  "C4'" "H4'"  sing N N 162 
Y  "O4'" "C1'"  sing N N 163 
Y  "C3'" "O3'"  sing N N 164 
Y  "C3'" "C2'"  sing N N 165 
Y  "C3'" "H3'"  sing N N 166 
Y  "O3'" "HO3'" sing N N 167 
Y  "C2'" "C1'"  sing N N 168 
Y  "C2'" "H2'"  sing N N 169 
Y  "C2'" "H2''" sing N N 170 
Y  "C1'" N9     sing N N 171 
Y  "C1'" "H1'"  sing N N 172 
Y  N9    C8     sing Y N 173 
Y  N9    C4     sing Y N 174 
Y  C8    N7     doub Y N 175 
Y  C8    H8     sing N N 176 
Y  N7    C5     sing Y N 177 
Y  C5    C6     sing Y N 178 
Y  C5    C4     doub Y N 179 
Y  C6    N6     sing N N 180 
Y  C6    N1     doub Y N 181 
Y  N6    CA     sing N N 182 
Y  N6    H6     sing N N 183 
Y  N1    C2     sing Y N 184 
Y  C2    N3     doub Y N 185 
Y  C2    H2     sing N N 186 
Y  N3    C4     sing Y N 187 
Y  CA    CB     sing N N 188 
Y  CA    CJ     sing N N 189 
Y  CA    HA     sing N N 190 
Y  CB    OB     sing N N 191 
Y  CB    HB1    sing N N 192 
Y  CB    HB2    sing N N 193 
Y  OB    HB     sing N N 194 
Y  CJ    CO     doub Y N 195 
Y  CJ    "CO'"  sing Y N 196 
Y  CO    CM     sing Y N 197 
Y  CO    HO     sing N N 198 
Y  "CO'" "CM'"  doub Y N 199 
Y  "CO'" "HO'"  sing N N 200 
Y  CM    CP     doub Y N 201 
Y  CM    HM     sing N N 202 
Y  "CM'" CP     sing Y N 203 
Y  "CM'" "HM'"  sing N N 204 
Y  CP    HP     sing N N 205 
# 
loop_
_ndb_struct_conf_na.entry_id 
_ndb_struct_conf_na.feature 
1AGO 'double helix'        
1AGO 'b-form double helix' 
# 
loop_
_ndb_struct_na_base_pair.model_number 
_ndb_struct_na_base_pair.i_label_asym_id 
_ndb_struct_na_base_pair.i_label_comp_id 
_ndb_struct_na_base_pair.i_label_seq_id 
_ndb_struct_na_base_pair.i_symmetry 
_ndb_struct_na_base_pair.j_label_asym_id 
_ndb_struct_na_base_pair.j_label_comp_id 
_ndb_struct_na_base_pair.j_label_seq_id 
_ndb_struct_na_base_pair.j_symmetry 
_ndb_struct_na_base_pair.shear 
_ndb_struct_na_base_pair.stretch 
_ndb_struct_na_base_pair.stagger 
_ndb_struct_na_base_pair.buckle 
_ndb_struct_na_base_pair.propeller 
_ndb_struct_na_base_pair.opening 
_ndb_struct_na_base_pair.pair_number 
_ndb_struct_na_base_pair.pair_name 
_ndb_struct_na_base_pair.i_auth_asym_id 
_ndb_struct_na_base_pair.i_auth_seq_id 
_ndb_struct_na_base_pair.i_PDB_ins_code 
_ndb_struct_na_base_pair.j_auth_asym_id 
_ndb_struct_na_base_pair.j_auth_seq_id 
_ndb_struct_na_base_pair.j_PDB_ins_code 
_ndb_struct_na_base_pair.hbond_type_28 
_ndb_struct_na_base_pair.hbond_type_12 
1 A DC 1  1_555 B DG 11 1_555 0.745  -0.435 0.113  -7.394 -5.949  0.202  1  A_DC1:DG22_B  A 1  ? B 22 ? 19 1 
1 A DG 2  1_555 B DC 10 1_555 -0.704 -0.368 0.149  4.472  -10.680 -0.778 2  A_DG2:DC21_B  A 2  ? B 21 ? 19 1 
1 A DG 3  1_555 B DC 9  1_555 -0.330 -0.163 0.025  4.337  -15.417 -1.809 3  A_DG3:DC20_B  A 3  ? B 20 ? 19 1 
1 A DA 4  1_555 B DT 8  1_555 0.486  -0.170 -0.212 3.123  -19.658 -3.245 4  A_DA4:DT19_B  A 4  ? B 19 ? 20 1 
1 A DC 5  1_555 B DG 7  1_555 0.254  -0.128 -0.150 2.506  -17.503 2.120  5  A_DC5:DG18_B  A 5  ? B 18 ? 19 1 
1 A DA 6  1_555 B DT 6  1_555 0.222  -0.201 -0.218 -9.662 -9.156  -8.117 6  A_DA6:DT17_B  A 6  ? B 17 ? 20 1 
1 A Y  7  1_555 B DT 5  1_555 0.246  -0.036 0.218  6.689  -14.084 -3.744 7  A_Y7:DT16_B   A 7  ? B 16 ? 20 1 
1 A DG 8  1_555 B DC 4  1_555 -0.527 -0.201 0.040  7.240  -10.254 1.424  8  A_DG8:DC15_B  A 8  ? B 15 ? 19 1 
1 A DA 9  1_555 B DT 3  1_555 0.412  -0.141 -0.047 17.952 -14.993 -1.289 9  A_DA9:DT14_B  A 9  ? B 14 ? 20 1 
1 A DA 10 1_555 B DT 2  1_555 0.299  -0.122 0.052  22.738 -15.616 5.088  10 A_DA10:DT13_B A 10 ? B 13 ? 20 1 
1 A DG 11 1_555 B DC 1  1_555 -1.038 -0.293 0.562  27.541 0.046   0.054  11 A_DG11:DC12_B A 11 ? B 12 ? 19 1 
# 
loop_
_ndb_struct_na_base_pair_step.model_number 
_ndb_struct_na_base_pair_step.i_label_asym_id_1 
_ndb_struct_na_base_pair_step.i_label_comp_id_1 
_ndb_struct_na_base_pair_step.i_label_seq_id_1 
_ndb_struct_na_base_pair_step.i_symmetry_1 
_ndb_struct_na_base_pair_step.j_label_asym_id_1 
_ndb_struct_na_base_pair_step.j_label_comp_id_1 
_ndb_struct_na_base_pair_step.j_label_seq_id_1 
_ndb_struct_na_base_pair_step.j_symmetry_1 
_ndb_struct_na_base_pair_step.i_label_asym_id_2 
_ndb_struct_na_base_pair_step.i_label_comp_id_2 
_ndb_struct_na_base_pair_step.i_label_seq_id_2 
_ndb_struct_na_base_pair_step.i_symmetry_2 
_ndb_struct_na_base_pair_step.j_label_asym_id_2 
_ndb_struct_na_base_pair_step.j_label_comp_id_2 
_ndb_struct_na_base_pair_step.j_label_seq_id_2 
_ndb_struct_na_base_pair_step.j_symmetry_2 
_ndb_struct_na_base_pair_step.shift 
_ndb_struct_na_base_pair_step.slide 
_ndb_struct_na_base_pair_step.rise 
_ndb_struct_na_base_pair_step.tilt 
_ndb_struct_na_base_pair_step.roll 
_ndb_struct_na_base_pair_step.twist 
_ndb_struct_na_base_pair_step.x_displacement 
_ndb_struct_na_base_pair_step.y_displacement 
_ndb_struct_na_base_pair_step.helical_rise 
_ndb_struct_na_base_pair_step.inclination 
_ndb_struct_na_base_pair_step.tip 
_ndb_struct_na_base_pair_step.helical_twist 
_ndb_struct_na_base_pair_step.step_number 
_ndb_struct_na_base_pair_step.step_name 
_ndb_struct_na_base_pair_step.i_auth_asym_id_1 
_ndb_struct_na_base_pair_step.i_auth_seq_id_1 
_ndb_struct_na_base_pair_step.i_PDB_ins_code_1 
_ndb_struct_na_base_pair_step.j_auth_asym_id_1 
_ndb_struct_na_base_pair_step.j_auth_seq_id_1 
_ndb_struct_na_base_pair_step.j_PDB_ins_code_1 
_ndb_struct_na_base_pair_step.i_auth_asym_id_2 
_ndb_struct_na_base_pair_step.i_auth_seq_id_2 
_ndb_struct_na_base_pair_step.i_PDB_ins_code_2 
_ndb_struct_na_base_pair_step.j_auth_asym_id_2 
_ndb_struct_na_base_pair_step.j_auth_seq_id_2 
_ndb_struct_na_base_pair_step.j_PDB_ins_code_2 
1 A DC 1  1_555 B DG 11 1_555 A DG 2  1_555 B DC 10 1_555 -0.221 0.723  2.891 -0.522 5.545  32.387 0.421  0.311  2.973 9.850   
0.927  32.850 1  AA_DC1DG2:DC21DG22_BB   A 1  ? B 22 ? A 2  ? B 21 ? 
1 A DG 2  1_555 B DC 10 1_555 A DG 3  1_555 B DC 9  1_555 0.442  0.213  3.405 3.170  -4.271 37.290 0.908  -0.256 3.385 -6.638  
-4.926 37.654 2  AA_DG2DG3:DC20DC21_BB   A 2  ? B 21 ? A 3  ? B 20 ? 
1 A DG 3  1_555 B DC 9  1_555 A DA 4  1_555 B DT 8  1_555 0.400  0.195  3.328 2.454  1.085  39.043 0.158  -0.296 3.350 1.621   
-3.666 39.132 3  AA_DG3DA4:DT19DC20_BB   A 3  ? B 20 ? A 4  ? B 19 ? 
1 A DA 4  1_555 B DT 8  1_555 A DC 5  1_555 B DG 7  1_555 0.291  -0.160 3.081 1.848  -1.522 36.443 -0.057 -0.223 3.095 -2.430  
-2.952 36.519 4  AA_DA4DC5:DG18DT19_BB   A 4  ? B 19 ? A 5  ? B 18 ? 
1 A DC 5  1_555 B DG 7  1_555 A DA 6  1_555 B DT 6  1_555 -1.006 0.108  3.688 -5.281 4.967  39.456 -0.494 0.775  3.773 7.283   
7.742  40.090 5  AA_DC5DA6:DT17DG18_BB   A 5  ? B 18 ? A 6  ? B 17 ? 
1 A DA 6  1_555 B DT 6  1_555 A Y  7  1_555 B DT 5  1_555 0.617  -0.228 2.829 1.238  -8.057 34.728 0.653  -0.851 2.829 -13.273 
-2.039 35.643 6  AA_DA6Y7:DT16DT17_BB    A 6  ? B 17 ? A 7  ? B 16 ? 
1 A Y  7  1_555 B DT 5  1_555 A DG 8  1_555 B DC 4  1_555 0.464  -0.467 3.097 0.648  1.460  31.035 -1.137 -0.749 3.082 2.727   
-1.209 31.075 7  AA_Y7DG8:DC15DT16_BB    A 7  ? B 16 ? A 8  ? B 15 ? 
1 A DG 8  1_555 B DC 4  1_555 A DA 9  1_555 B DT 3  1_555 0.131  0.371  3.005 3.549  -1.316 41.924 0.641  0.155  2.993 -1.834  
-4.947 42.087 8  AA_DG8DA9:DT14DC15_BB   A 8  ? B 15 ? A 9  ? B 14 ? 
1 A DA 9  1_555 B DT 3  1_555 A DA 10 1_555 B DT 2  1_555 0.704  0.321  3.263 1.301  -0.741 36.477 0.614  -0.943 3.278 -1.184  
-2.078 36.506 9  AA_DA9DA10:DT13DT14_BB  A 9  ? B 14 ? A 10 ? B 13 ? 
1 A DA 10 1_555 B DT 2  1_555 A DG 11 1_555 B DC 1  1_555 -0.413 -0.169 2.950 -5.597 4.314  32.713 -0.942 -0.124 2.933 7.550   
9.795  33.447 10 AA_DA10DG11:DC12DT13_BB A 10 ? B 13 ? A 11 ? B 12 ? 
# 
_pdbx_nmr_spectrometer.spectrometer_id   1 
_pdbx_nmr_spectrometer.model             AMX500 
_pdbx_nmr_spectrometer.manufacturer      Bruker 
_pdbx_nmr_spectrometer.field_strength    500 
# 
_atom_sites.entry_id                    1AGO 
_atom_sites.fract_transf_matrix[1][1]   1.000000 
_atom_sites.fract_transf_matrix[1][2]   0.000000 
_atom_sites.fract_transf_matrix[1][3]   0.000000 
_atom_sites.fract_transf_matrix[2][1]   0.000000 
_atom_sites.fract_transf_matrix[2][2]   1.000000 
_atom_sites.fract_transf_matrix[2][3]   0.000000 
_atom_sites.fract_transf_matrix[3][1]   0.000000 
_atom_sites.fract_transf_matrix[3][2]   0.000000 
_atom_sites.fract_transf_matrix[3][3]   1.000000 
_atom_sites.fract_transf_vector[1]      0.00000 
_atom_sites.fract_transf_vector[2]      0.00000 
_atom_sites.fract_transf_vector[3]      0.00000 
# 
loop_
_atom_type.symbol 
C 
H 
N 
O 
P 
# 
loop_
_atom_site.group_PDB 
_atom_site.id 
_atom_site.type_symbol 
_atom_site.label_atom_id 
_atom_site.label_alt_id 
_atom_site.label_comp_id 
_atom_site.label_asym_id 
_atom_site.label_entity_id 
_atom_site.label_seq_id 
_atom_site.pdbx_PDB_ins_code 
_atom_site.Cartn_x 
_atom_site.Cartn_y 
_atom_site.Cartn_z 
_atom_site.occupancy 
_atom_site.B_iso_or_equiv 
_atom_site.pdbx_formal_charge 
_atom_site.auth_seq_id 
_atom_site.auth_comp_id 
_atom_site.auth_asym_id 
_atom_site.auth_atom_id 
_atom_site.pdbx_PDB_model_num 
ATOM   1   O "O5'"  . DC A 1 1  ? -5.651  6.845  22.538  1.00 1.96 ? 1  DC A "O5'"  1 
ATOM   2   C "C5'"  . DC A 1 1  ? -4.476  6.868  23.352  1.00 1.86 ? 1  DC A "C5'"  1 
ATOM   3   C "C4'"  . DC A 1 1  ? -3.404  5.914  22.823  1.00 1.60 ? 1  DC A "C4'"  1 
ATOM   4   O "O4'"  . DC A 1 1  ? -4.002  4.664  22.414  1.00 1.41 ? 1  DC A "O4'"  1 
ATOM   5   C "C3'"  . DC A 1 1  ? -2.673  6.511  21.619  1.00 1.49 ? 1  DC A "C3'"  1 
ATOM   6   O "O3'"  . DC A 1 1  ? -1.255  6.569  21.882  1.00 1.49 ? 1  DC A "O3'"  1 
ATOM   7   C "C2'"  . DC A 1 1  ? -3.004  5.600  20.457  1.00 1.23 ? 1  DC A "C2'"  1 
ATOM   8   C "C1'"  . DC A 1 1  ? -3.627  4.350  21.058  1.00 1.17 ? 1  DC A "C1'"  1 
ATOM   9   N N1     . DC A 1 1  ? -4.805  3.872  20.282  1.00 1.08 ? 1  DC A N1     1 
ATOM   10  C C2     . DC A 1 1  ? -4.863  2.516  19.995  1.00 0.96 ? 1  DC A C2     1 
ATOM   11  O O2     . DC A 1 1  ? -3.929  1.781  20.297  1.00 1.02 ? 1  DC A O2     1 
ATOM   12  N N3     . DC A 1 1  ? -5.966  2.033  19.361  1.00 0.93 ? 1  DC A N3     1 
ATOM   13  C C4     . DC A 1 1  ? -6.976  2.836  19.016  1.00 0.98 ? 1  DC A C4     1 
ATOM   14  N N4     . DC A 1 1  ? -8.058  2.314  18.433  1.00 0.96 ? 1  DC A N4     1 
ATOM   15  C C5     . DC A 1 1  ? -6.922  4.237  19.296  1.00 1.19 ? 1  DC A C5     1 
ATOM   16  C C6     . DC A 1 1  ? -5.825  4.712  19.926  1.00 1.25 ? 1  DC A C6     1 
ATOM   17  H "H5'"  . DC A 1 1  ? -4.746  6.571  24.367  1.00 2.19 ? 1  DC A "H5'"  1 
ATOM   18  H "H5''" . DC A 1 1  ? -4.077  7.880  23.370  1.00 2.06 ? 1  DC A "H5''" 1 
ATOM   19  H "H4'"  . DC A 1 1  ? -2.681  5.717  23.617  1.00 1.68 ? 1  DC A "H4'"  1 
ATOM   20  H "H3'"  . DC A 1 1  ? -3.060  7.513  21.418  1.00 1.64 ? 1  DC A "H3'"  1 
ATOM   21  H "H2'"  . DC A 1 1  ? -3.716  6.096  19.797  1.00 1.26 ? 1  DC A "H2'"  1 
ATOM   22  H "H2''" . DC A 1 1  ? -2.102  5.343  19.906  1.00 1.12 ? 1  DC A "H2''" 1 
ATOM   23  H "H1'"  . DC A 1 1  ? -2.875  3.562  21.078  1.00 1.06 ? 1  DC A "H1'"  1 
ATOM   24  H H41    . DC A 1 1  ? -8.095  1.324  18.236  1.00 0.93 ? 1  DC A H41    1 
ATOM   25  H H42    . DC A 1 1  ? -8.842  2.907  18.195  1.00 1.05 ? 1  DC A H42    1 
ATOM   26  H H5     . DC A 1 1  ? -7.738  4.898  19.007  1.00 1.37 ? 1  DC A H5     1 
ATOM   27  H H6     . DC A 1 1  ? -5.749  5.775  20.144  1.00 1.49 ? 1  DC A H6     1 
ATOM   28  H "HO5'" . DC A 1 1  ? -5.420  6.400  21.721  1.00 2.11 ? 1  DC A "HO5'" 1 
ATOM   29  P P      . DG A 1 2  ? -0.165  6.884  20.723  1.00 1.84 ? 2  DG A P      1 
ATOM   30  O OP1    . DG A 1 2  ? 1.006   7.542  21.350  1.00 2.65 ? 2  DG A OP1    1 
ATOM   31  O OP2    . DG A 1 2  ? -0.851  7.542  19.584  1.00 2.63 ? 2  DG A OP2    1 
ATOM   32  O "O5'"  . DG A 1 2  ? 0.290   5.409  20.251  1.00 1.41 ? 2  DG A "O5'"  1 
ATOM   33  C "C5'"  . DG A 1 2  ? 1.254   4.659  20.999  1.00 1.28 ? 2  DG A "C5'"  1 
ATOM   34  C "C4'"  . DG A 1 2  ? 1.721   3.438  20.216  1.00 1.06 ? 2  DG A "C4'"  1 
ATOM   35  O "O4'"  . DG A 1 2  ? 0.588   2.623  19.844  1.00 0.93 ? 2  DG A "O4'"  1 
ATOM   36  C "C3'"  . DG A 1 2  ? 2.444   3.862  18.943  1.00 0.98 ? 2  DG A "C3'"  1 
ATOM   37  O "O3'"  . DG A 1 2  ? 3.766   3.287  18.905  1.00 1.02 ? 2  DG A "O3'"  1 
ATOM   38  C "C2'"  . DG A 1 2  ? 1.571   3.384  17.804  1.00 0.90 ? 2  DG A "C2'"  1 
ATOM   39  C "C1'"  . DG A 1 2  ? 0.532   2.461  18.412  1.00 0.83 ? 2  DG A "C1'"  1 
ATOM   40  N N9     . DG A 1 2  ? -0.823  2.760  17.900  1.00 0.78 ? 2  DG A N9     1 
ATOM   41  C C8     . DG A 1 2  ? -1.463  3.949  17.766  1.00 0.86 ? 2  DG A C8     1 
ATOM   42  N N7     . DG A 1 2  ? -2.676  3.929  17.321  1.00 0.83 ? 2  DG A N7     1 
ATOM   43  C C5     . DG A 1 2  ? -2.888  2.561  17.132  1.00 0.71 ? 2  DG A C5     1 
ATOM   44  C C6     . DG A 1 2  ? -4.037  1.874  16.659  1.00 0.65 ? 2  DG A C6     1 
ATOM   45  O O6     . DG A 1 2  ? -5.119  2.343  16.316  1.00 0.70 ? 2  DG A O6     1 
ATOM   46  N N1     . DG A 1 2  ? -3.828  0.503  16.619  1.00 0.60 ? 2  DG A N1     1 
ATOM   47  C C2     . DG A 1 2  ? -2.662  -0.137 16.990  1.00 0.62 ? 2  DG A C2     1 
ATOM   48  N N2     . DG A 1 2  ? -2.649  -1.464 16.872  1.00 0.67 ? 2  DG A N2     1 
ATOM   49  N N3     . DG A 1 2  ? -1.577  0.501  17.434  1.00 0.66 ? 2  DG A N3     1 
ATOM   50  C C4     . DG A 1 2  ? -1.757  1.840  17.485  1.00 0.69 ? 2  DG A C4     1 
ATOM   51  H "H5'"  . DG A 1 2  ? 0.802   4.334  21.938  1.00 1.41 ? 2  DG A "H5'"  1 
ATOM   52  H "H5''" . DG A 1 2  ? 2.114   5.294  21.216  1.00 1.57 ? 2  DG A "H5''" 1 
ATOM   53  H "H4'"  . DG A 1 2  ? 2.396   2.847  20.834  1.00 1.17 ? 2  DG A "H4'"  1 
ATOM   54  H "H3'"  . DG A 1 2  ? 2.512   4.951  18.910  1.00 1.05 ? 2  DG A "H3'"  1 
ATOM   55  H "H2'"  . DG A 1 2  ? 1.082   4.238  17.334  1.00 0.95 ? 2  DG A "H2'"  1 
ATOM   56  H "H2''" . DG A 1 2  ? 2.162   2.844  17.065  1.00 0.91 ? 2  DG A "H2''" 1 
ATOM   57  H "H1'"  . DG A 1 2  ? 0.783   1.430  18.163  1.00 0.81 ? 2  DG A "H1'"  1 
ATOM   58  H H8     . DG A 1 2  ? -0.970  4.888  18.013  1.00 0.96 ? 2  DG A H8     1 
ATOM   59  H H1     . DG A 1 2  ? -4.607  -0.050 16.293  1.00 0.60 ? 2  DG A H1     1 
ATOM   60  H H21    . DG A 1 2  ? -3.466  -1.948 16.530  1.00 0.68 ? 2  DG A H21    1 
ATOM   61  H H22    . DG A 1 2  ? -1.821  -1.984 17.126  1.00 0.73 ? 2  DG A H22    1 
ATOM   62  P P      . DG A 1 3  ? 4.591   3.155  17.525  1.00 1.18 ? 3  DG A P      1 
ATOM   63  O OP1    . DG A 1 3  ? 5.968   2.714  17.843  1.00 1.49 ? 3  DG A OP1    1 
ATOM   64  O OP2    . DG A 1 3  ? 4.371   4.379  16.718  1.00 2.26 ? 3  DG A OP2    1 
ATOM   65  O "O5'"  . DG A 1 3  ? 3.829   1.935  16.812  1.00 0.98 ? 3  DG A "O5'"  1 
ATOM   66  C "C5'"  . DG A 1 3  ? 3.808   0.645  17.420  1.00 0.98 ? 3  DG A "C5'"  1 
ATOM   67  C "C4'"  . DG A 1 3  ? 3.223   -0.385 16.470  1.00 0.87 ? 3  DG A "C4'"  1 
ATOM   68  O "O4'"  . DG A 1 3  ? 1.816   -0.131 16.257  1.00 0.76 ? 3  DG A "O4'"  1 
ATOM   69  C "C3'"  . DG A 1 3  ? 3.928   -0.313 15.120  1.00 0.85 ? 3  DG A "C3'"  1 
ATOM   70  O "O3'"  . DG A 1 3  ? 4.589   -1.555 14.825  1.00 0.93 ? 3  DG A "O3'"  1 
ATOM   71  C "C2'"  . DG A 1 3  ? 2.844   0.006  14.114  1.00 0.78 ? 3  DG A "C2'"  1 
ATOM   72  C "C1'"  . DG A 1 3  ? 1.524   -0.134 14.846  1.00 0.72 ? 3  DG A "C1'"  1 
ATOM   73  N N9     . DG A 1 3  ? 0.593   0.957  14.493  1.00 0.67 ? 3  DG A N9     1 
ATOM   74  C C8     . DG A 1 3  ? 0.793   2.299  14.464  1.00 0.72 ? 3  DG A C8     1 
ATOM   75  N N7     . DG A 1 3  ? -0.210  3.047  14.144  1.00 0.69 ? 3  DG A N7     1 
ATOM   76  C C5     . DG A 1 3  ? -1.213  2.099  13.922  1.00 0.61 ? 3  DG A C5     1 
ATOM   77  C C6     . DG A 1 3  ? -2.568  2.280  13.537  1.00 0.56 ? 3  DG A C6     1 
ATOM   78  O O6     . DG A 1 3  ? -3.168  3.330  13.319  1.00 0.58 ? 3  DG A O6     1 
ATOM   79  N N1     . DG A 1 3  ? -3.231  1.066  13.422  1.00 0.53 ? 3  DG A N1     1 
ATOM   80  C C2     . DG A 1 3  ? -2.666  -0.173 13.648  1.00 0.54 ? 3  DG A C2     1 
ATOM   81  N N2     . DG A 1 3  ? -3.463  -1.226 13.475  1.00 0.57 ? 3  DG A N2     1 
ATOM   82  N N3     . DG A 1 3  ? -1.396  -0.352 14.014  1.00 0.58 ? 3  DG A N3     1 
ATOM   83  C C4     . DG A 1 3  ? -0.727  0.817  14.131  1.00 0.60 ? 3  DG A C4     1 
ATOM   84  H "H5'"  . DG A 1 3  ? 3.203   0.684  18.328  1.00 1.02 ? 3  DG A "H5'"  1 
ATOM   85  H "H5''" . DG A 1 3  ? 4.827   0.356  17.680  1.00 1.09 ? 3  DG A "H5''" 1 
ATOM   86  H "H4'"  . DG A 1 3  ? 3.348   -1.382 16.892  1.00 0.94 ? 3  DG A "H4'"  1 
ATOM   87  H "H3'"  . DG A 1 3  ? 4.653   0.504  15.134  1.00 0.89 ? 3  DG A "H3'"  1 
ATOM   88  H "H2'"  . DG A 1 3  ? 2.964   1.031  13.758  1.00 0.79 ? 3  DG A "H2'"  1 
ATOM   89  H "H2''" . DG A 1 3  ? 2.881   -0.685 13.272  1.00 0.80 ? 3  DG A "H2''" 1 
ATOM   90  H "H1'"  . DG A 1 3  ? 1.070   -1.089 14.582  1.00 0.72 ? 3  DG A "H1'"  1 
ATOM   91  H H8     . DG A 1 3  ? 1.766   2.731  14.696  1.00 0.79 ? 3  DG A H8     1 
ATOM   92  H H1     . DG A 1 3  ? -4.201  1.118  13.145  1.00 0.52 ? 3  DG A H1     1 
ATOM   93  H H21    . DG A 1 3  ? -4.424  -1.092 13.193  1.00 0.57 ? 3  DG A H21    1 
ATOM   94  H H22    . DG A 1 3  ? -3.105  -2.159 13.621  1.00 0.61 ? 3  DG A H22    1 
ATOM   95  P P      . DA A 1 4  ? 5.129   -1.882 13.341  1.00 0.97 ? 4  DA A P      1 
ATOM   96  O OP1    . DA A 1 4  ? 6.026   -3.057 13.421  1.00 1.59 ? 4  DA A OP1    1 
ATOM   97  O OP2    . DA A 1 4  ? 5.604   -0.622 12.722  1.00 1.78 ? 4  DA A OP2    1 
ATOM   98  O "O5'"  . DA A 1 4  ? 3.777   -2.324 12.591  1.00 0.95 ? 4  DA A "O5'"  1 
ATOM   99  C "C5'"  . DA A 1 4  ? 3.005   -3.435 13.055  1.00 0.97 ? 4  DA A "C5'"  1 
ATOM   100 C "C4'"  . DA A 1 4  ? 1.818   -3.697 12.135  1.00 0.90 ? 4  DA A "C4'"  1 
ATOM   101 O "O4'"  . DA A 1 4  ? 0.874   -2.598 12.202  1.00 0.78 ? 4  DA A "O4'"  1 
ATOM   102 C "C3'"  . DA A 1 4  ? 2.268   -3.840 10.682  1.00 0.94 ? 4  DA A "C3'"  1 
ATOM   103 O "O3'"  . DA A 1 4  ? 1.773   -5.071 10.145  1.00 1.04 ? 4  DA A "O3'"  1 
ATOM   104 C "C2'"  . DA A 1 4  ? 1.680   -2.651 9.966   1.00 0.80 ? 4  DA A "C2'"  1 
ATOM   105 C "C1'"  . DA A 1 4  ? 0.581   -2.133 10.869  1.00 0.71 ? 4  DA A "C1'"  1 
ATOM   106 N N9     . DA A 1 4  ? 0.486   -0.662 10.824  1.00 0.62 ? 4  DA A N9     1 
ATOM   107 C C8     . DA A 1 4  ? 1.455   0.276  10.941  1.00 0.59 ? 4  DA A C8     1 
ATOM   108 N N7     . DA A 1 4  ? 1.097   1.515  10.863  1.00 0.55 ? 4  DA A N7     1 
ATOM   109 C C5     . DA A 1 4  ? -0.283  1.397  10.671  1.00 0.54 ? 4  DA A C5     1 
ATOM   110 C C6     . DA A 1 4  ? -1.303  2.342  10.507  1.00 0.53 ? 4  DA A C6     1 
ATOM   111 N N6     . DA A 1 4  ? -1.091  3.658  10.522  1.00 0.55 ? 4  DA A N6     1 
ATOM   112 N N1     . DA A 1 4  ? -2.554  1.879  10.339  1.00 0.55 ? 4  DA A N1     1 
ATOM   113 C C2     . DA A 1 4  ? -2.795  0.567  10.332  1.00 0.59 ? 4  DA A C2     1 
ATOM   114 N N3     . DA A 1 4  ? -1.908  -0.412 10.475  1.00 0.61 ? 4  DA A N3     1 
ATOM   115 C C4     . DA A 1 4  ? -0.661  0.077  10.647  1.00 0.58 ? 4  DA A C4     1 
ATOM   116 H "H5'"  . DA A 1 4  ? 2.639   -3.214 14.064  1.00 0.96 ? 4  DA A "H5'"  1 
ATOM   117 H "H5''" . DA A 1 4  ? 3.635   -4.321 13.092  1.00 1.08 ? 4  DA A "H5''" 1 
ATOM   118 H "H4'"  . DA A 1 4  ? 1.319   -4.611 12.447  1.00 0.97 ? 4  DA A "H4'"  1 
ATOM   119 H "H3'"  . DA A 1 4  ? 3.358   -3.804 10.618  1.00 1.04 ? 4  DA A "H3'"  1 
ATOM   120 H "H2'"  . DA A 1 4  ? 2.444   -1.881 9.828   1.00 0.79 ? 4  DA A "H2'"  1 
ATOM   121 H "H2''" . DA A 1 4  ? 1.266   -2.943 9.004   1.00 0.81 ? 4  DA A "H2''" 1 
ATOM   122 H "H1'"  . DA A 1 4  ? -0.366  -2.559 10.545  1.00 0.72 ? 4  DA A "H1'"  1 
ATOM   123 H H8     . DA A 1 4  ? 2.498   -0.004 11.089  1.00 0.63 ? 4  DA A H8     1 
ATOM   124 H H61    . DA A 1 4  ? -1.867  4.294  10.402  1.00 0.58 ? 4  DA A H61    1 
ATOM   125 H H62    . DA A 1 4  ? -0.156  4.019  10.651  1.00 0.56 ? 4  DA A H62    1 
ATOM   126 H H2     . DA A 1 4  ? -3.832  0.265  10.191  1.00 0.63 ? 4  DA A H2     1 
ATOM   127 P P      . DC A 1 5  ? 1.854   -5.416 8.566   1.00 1.12 ? 5  DC A P      1 
ATOM   128 O OP1    . DC A 1 5  ? 1.931   -6.889 8.423   1.00 1.69 ? 5  DC A OP1    1 
ATOM   129 O OP2    . DC A 1 5  ? 2.909   -4.562 7.989   1.00 1.81 ? 5  DC A OP2    1 
ATOM   130 O "O5'"  . DC A 1 5  ? 0.420   -4.886 8.003   1.00 1.01 ? 5  DC A "O5'"  1 
ATOM   131 C "C5'"  . DC A 1 5  ? -0.827  -5.498 8.392   1.00 1.03 ? 5  DC A "C5'"  1 
ATOM   132 C "C4'"  . DC A 1 5  ? -2.066  -4.828 7.750   1.00 0.95 ? 5  DC A "C4'"  1 
ATOM   133 O "O4'"  . DC A 1 5  ? -2.124  -3.425 8.088   1.00 0.83 ? 5  DC A "O4'"  1 
ATOM   134 C "C3'"  . DC A 1 5  ? -2.059  -4.925 6.227   1.00 0.98 ? 5  DC A "C3'"  1 
ATOM   135 O "O3'"  . DC A 1 5  ? -3.388  -5.252 5.725   1.00 1.01 ? 5  DC A "O3'"  1 
ATOM   136 C "C2'"  . DC A 1 5  ? -1.660  -3.552 5.776   1.00 0.89 ? 5  DC A "C2'"  1 
ATOM   137 C "C1'"  . DC A 1 5  ? -2.157  -2.646 6.878   1.00 0.78 ? 5  DC A "C1'"  1 
ATOM   138 N N1     . DC A 1 5  ? -1.346  -1.418 6.997   1.00 0.71 ? 5  DC A N1     1 
ATOM   139 C C2     . DC A 1 5  ? -2.031  -0.213 7.051   1.00 0.65 ? 5  DC A C2     1 
ATOM   140 O O2     . DC A 1 5  ? -3.258  -0.192 6.963   1.00 0.69 ? 5  DC A O2     1 
ATOM   141 N N3     . DC A 1 5  ? -1.316  0.930  7.191   1.00 0.62 ? 5  DC A N3     1 
ATOM   142 C C4     . DC A 1 5  ? 0.019   0.900  7.274   1.00 0.62 ? 5  DC A C4     1 
ATOM   143 N N4     . DC A 1 5  ? 0.682   2.044  7.417   1.00 0.62 ? 5  DC A N4     1 
ATOM   144 C C5     . DC A 1 5  ? 0.735   -0.338 7.218   1.00 0.70 ? 5  DC A C5     1 
ATOM   145 C C6     . DC A 1 5  ? 0.015   -1.470 7.079   1.00 0.75 ? 5  DC A C6     1 
ATOM   146 H "H5'"  . DC A 1 5  ? -0.924  -5.423 9.474   1.00 1.03 ? 5  DC A "H5'"  1 
ATOM   147 H "H5''" . DC A 1 5  ? -0.811  -6.549 8.108   1.00 1.14 ? 5  DC A "H5''" 1 
ATOM   148 H "H4'"  . DC A 1 5  ? -2.972  -5.315 8.121   1.00 0.98 ? 5  DC A "H4'"  1 
ATOM   149 H "H3'"  . DC A 1 5  ? -1.333  -5.670 5.895   1.00 1.07 ? 5  DC A "H3'"  1 
ATOM   150 H "H2'"  . DC A 1 5  ? -0.572  -3.481 5.682   1.00 0.91 ? 5  DC A "H2'"  1 
ATOM   151 H "H2''" . DC A 1 5  ? -2.137  -3.308 4.837   1.00 0.90 ? 5  DC A "H2''" 1 
ATOM   152 H "H1'"  . DC A 1 5  ? -3.190  -2.374 6.664   1.00 0.77 ? 5  DC A "H1'"  1 
ATOM   153 H H41    . DC A 1 5  ? 0.177   2.917  7.463   1.00 0.62 ? 5  DC A H41    1 
ATOM   154 H H42    . DC A 1 5  ? 1.689   2.040  7.483   1.00 0.65 ? 5  DC A H42    1 
ATOM   155 H H5     . DC A 1 5  ? 1.822   -0.365 7.284   1.00 0.75 ? 5  DC A H5     1 
ATOM   156 H H6     . DC A 1 5  ? 0.528   -2.430 7.029   1.00 0.85 ? 5  DC A H6     1 
ATOM   157 P P      . DA A 1 6  ? -3.606  -6.044 4.318   1.00 1.07 ? 6  DA A P      1 
ATOM   158 O OP1    . DA A 1 6  ? -3.887  -5.665 2.913   1.00 1.67 ? 6  DA A OP1    1 
ATOM   159 O OP2    . DA A 1 6  ? -2.151  -6.341 4.280   1.00 1.73 ? 6  DA A OP2    1 
ATOM   160 O "O5'"  . DA A 1 6  ? -4.313  -4.565 4.333   1.00 1.03 ? 6  DA A "O5'"  1 
ATOM   161 C "C5'"  . DA A 1 6  ? -5.783  -4.487 4.459   1.00 0.91 ? 6  DA A "C5'"  1 
ATOM   162 C "C4'"  . DA A 1 6  ? -6.425  -3.291 3.716   1.00 0.87 ? 6  DA A "C4'"  1 
ATOM   163 O "O4'"  . DA A 1 6  ? -5.851  -2.050 4.155   1.00 0.86 ? 6  DA A "O4'"  1 
ATOM   164 C "C3'"  . DA A 1 6  ? -6.295  -3.368 2.183   1.00 0.86 ? 6  DA A "C3'"  1 
ATOM   165 O "O3'"  . DA A 1 6  ? -7.606  -3.387 1.568   1.00 0.89 ? 6  DA A "O3'"  1 
ATOM   166 C "C2'"  . DA A 1 6  ? -5.548  -2.121 1.788   1.00 0.81 ? 6  DA A "C2'"  1 
ATOM   167 C "C1'"  . DA A 1 6  ? -5.497  -1.231 3.019   1.00 0.81 ? 6  DA A "C1'"  1 
ATOM   168 N N9     . DA A 1 6  ? -4.154  -0.682 3.203   1.00 0.78 ? 6  DA A N9     1 
ATOM   169 C C8     . DA A 1 6  ? -3.006  -1.345 3.451   1.00 0.79 ? 6  DA A C8     1 
ATOM   170 N N7     . DA A 1 6  ? -1.946  -0.648 3.650   1.00 0.77 ? 6  DA A N7     1 
ATOM   171 C C5     . DA A 1 6  ? -2.435  0.650  3.514   1.00 0.74 ? 6  DA A C5     1 
ATOM   172 C C6     . DA A 1 6  ? -1.817  1.891  3.610   1.00 0.73 ? 6  DA A C6     1 
ATOM   173 N N6     . DA A 1 6  ? -0.521  2.023  3.880   1.00 0.73 ? 6  DA A N6     1 
ATOM   174 N N1     . DA A 1 6  ? -2.580  2.981  3.423   1.00 0.73 ? 6  DA A N1     1 
ATOM   175 C C2     . DA A 1 6  ? -3.883  2.855  3.156   1.00 0.73 ? 6  DA A C2     1 
ATOM   176 N N3     . DA A 1 6  ? -4.576  1.721  3.050   1.00 0.74 ? 6  DA A N3     1 
ATOM   177 C C4     . DA A 1 6  ? -3.781  0.645  3.243   1.00 0.75 ? 6  DA A C4     1 
ATOM   178 H "H5'"  . DA A 1 6  ? -6.026  -4.399 5.516   1.00 1.02 ? 6  DA A "H5'"  1 
ATOM   179 H "H5''" . DA A 1 6  ? -6.239  -5.414 4.089   1.00 1.25 ? 6  DA A "H5''" 1 
ATOM   180 H "H4'"  . DA A 1 6  ? -7.484  -3.279 3.959   1.00 0.89 ? 6  DA A "H4'"  1 
ATOM   181 H "H3'"  . DA A 1 6  ? -5.722  -4.250 1.893   1.00 0.87 ? 6  DA A "H3'"  1 
ATOM   182 H "H2'"  . DA A 1 6  ? -4.536  -2.379 1.477   1.00 0.81 ? 6  DA A "H2'"  1 
ATOM   183 H "H2''" . DA A 1 6  ? -6.064  -1.606 0.978   1.00 0.80 ? 6  DA A "H2''" 1 
ATOM   184 H "H1'"  . DA A 1 6  ? -6.216  -0.421 2.918   1.00 0.80 ? 6  DA A "H1'"  1 
ATOM   185 H H8     . DA A 1 6  ? -2.975  -2.431 3.453   1.00 0.82 ? 6  DA A H8     1 
ATOM   186 H H61    . DA A 1 6  ? -0.111  2.943  3.958   1.00 0.74 ? 6  DA A H61    1 
ATOM   187 H H62    . DA A 1 6  ? 0.050   1.202  4.023   1.00 0.74 ? 6  DA A H62    1 
ATOM   188 H H2     . DA A 1 6  ? -4.441  3.782  3.014   1.00 0.74 ? 6  DA A H2     1 
HETATM 189 P P      . Y  A 1 7  ? -7.830  -3.189 -0.031  1.00 1.34 ? 7  Y  A P      1 
HETATM 190 O OP1    . Y  A 1 7  ? -9.247  -3.497 -0.335  1.00 2.07 ? 7  Y  A OP1    1 
HETATM 191 O OP2    . Y  A 1 7  ? -6.757  -3.916 -0.750  1.00 2.06 ? 7  Y  A OP2    1 
HETATM 192 O "O5'"  . Y  A 1 7  ? -7.600  -1.600 -0.262  1.00 1.18 ? 7  Y  A "O5'"  1 
HETATM 193 C "C5'"  . Y  A 1 7  ? -8.559  -0.634 0.184   1.00 0.81 ? 7  Y  A "C5'"  1 
HETATM 194 C "C4'"  . Y  A 1 7  ? -8.135  0.798  -0.158  1.00 0.78 ? 7  Y  A "C4'"  1 
HETATM 195 O "O4'"  . Y  A 1 7  ? -6.842  1.101  0.410   1.00 0.75 ? 7  Y  A "O4'"  1 
HETATM 196 C "C3'"  . Y  A 1 7  ? -8.044  1.016  -1.670  1.00 0.74 ? 7  Y  A "C3'"  1 
HETATM 197 O "O3'"  . Y  A 1 7  ? -9.073  1.934  -2.097  1.00 0.81 ? 7  Y  A "O3'"  1 
HETATM 198 C "C2'"  . Y  A 1 7  ? -6.650  1.562  -1.913  1.00 0.67 ? 7  Y  A "C2'"  1 
HETATM 199 C "C1'"  . Y  A 1 7  ? -6.062  1.848  -0.543  1.00 0.68 ? 7  Y  A "C1'"  1 
HETATM 200 N N9     . Y  A 1 7  ? -4.632  1.477  -0.469  1.00 0.63 ? 7  Y  A N9     1 
HETATM 201 C C8     . Y  A 1 7  ? -4.032  0.279  -0.696  1.00 0.64 ? 7  Y  A C8     1 
HETATM 202 N N7     . Y  A 1 7  ? -2.761  0.204  -0.495  1.00 0.62 ? 7  Y  A N7     1 
HETATM 203 C C5     . Y  A 1 7  ? -2.452  1.506  -0.083  1.00 0.58 ? 7  Y  A C5     1 
HETATM 204 C C6     . Y  A 1 7  ? -1.250  2.125  0.295   1.00 0.58 ? 7  Y  A C6     1 
HETATM 205 N N6     . Y  A 1 7  ? -0.062  1.456  0.342   1.00 0.60 ? 7  Y  A N6     1 
HETATM 206 N N1     . Y  A 1 7  ? -1.323  3.449  0.639   1.00 0.58 ? 7  Y  A N1     1 
HETATM 207 C C2     . Y  A 1 7  ? -2.490  4.093  0.606   1.00 0.58 ? 7  Y  A C2     1 
HETATM 208 N N3     . Y  A 1 7  ? -3.675  3.591  0.264   1.00 0.58 ? 7  Y  A N3     1 
HETATM 209 C C4     . Y  A 1 7  ? -3.584  2.292  -0.070  1.00 0.59 ? 7  Y  A C4     1 
HETATM 210 C CA     . Y  A 1 7  ? 0.000   0.000  0.000   1.00 0.61 ? 7  Y  A CA     1 
HETATM 211 C CB     . Y  A 1 7  ? -0.589  -0.824 1.148   1.00 0.69 ? 7  Y  A CB     1 
HETATM 212 O OB     . Y  A 1 7  ? 0.182   -0.620 2.322   1.00 1.13 ? 7  Y  A OB     1 
HETATM 213 C CJ     . Y  A 1 7  ? 1.435   -0.423 -0.216  1.00 0.64 ? 7  Y  A CJ     1 
HETATM 214 C CO     . Y  A 1 7  ? 2.423   -0.127 0.737   1.00 1.33 ? 7  Y  A CO     1 
HETATM 215 C "CO'"  . Y  A 1 7  ? 1.771   -1.145 -1.372  1.00 1.39 ? 7  Y  A "CO'"  1 
HETATM 216 C CM     . Y  A 1 7  ? 3.746   -0.547 0.518   1.00 1.38 ? 7  Y  A CM     1 
HETATM 217 C "CM'"  . Y  A 1 7  ? 3.099   -1.567 -1.579  1.00 1.43 ? 7  Y  A "CM'"  1 
HETATM 218 C CP     . Y  A 1 7  ? 4.082   -1.263 -0.633  1.00 0.81 ? 7  Y  A CP     1 
HETATM 219 H "H5'"  . Y  A 1 7  ? -8.666  -0.719 1.265   1.00 0.86 ? 7  Y  A "H5'"  1 
HETATM 220 H "H5''" . Y  A 1 7  ? -9.523  -0.840 -0.286  1.00 0.98 ? 7  Y  A "H5''" 1 
HETATM 221 H "H4'"  . Y  A 1 7  ? -8.870  1.494  0.251   1.00 0.84 ? 7  Y  A "H4'"  1 
HETATM 222 H "H3'"  . Y  A 1 7  ? -8.154  0.062  -2.186  1.00 0.74 ? 7  Y  A "H3'"  1 
HETATM 223 H "H2'"  . Y  A 1 7  ? -6.046  0.809  -2.425  1.00 0.64 ? 7  Y  A "H2'"  1 
HETATM 224 H "H2''" . Y  A 1 7  ? -6.686  2.475  -2.505  1.00 0.67 ? 7  Y  A "H2''" 1 
HETATM 225 H "H1'"  . Y  A 1 7  ? -6.165  2.913  -0.327  1.00 0.69 ? 7  Y  A "H1'"  1 
HETATM 226 H H8     . Y  A 1 7  ? -4.601  -0.580 -1.036  1.00 0.70 ? 7  Y  A H8     1 
HETATM 227 H H6     . Y  A 1 7  ? 0.783   1.942  0.621   1.00 0.62 ? 7  Y  A H6     1 
HETATM 228 H H2     . Y  A 1 7  ? -2.470  5.145  0.889   1.00 0.60 ? 7  Y  A H2     1 
HETATM 229 H HA     . Y  A 1 7  ? -0.559  -0.182 -0.900  1.00 0.60 ? 7  Y  A HA     1 
HETATM 230 H HB1    . Y  A 1 7  ? -0.576  -1.878 0.877   1.00 1.06 ? 7  Y  A HB1    1 
HETATM 231 H HB2    . Y  A 1 7  ? -1.600  -0.519 1.330   1.00 0.70 ? 7  Y  A HB2    1 
HETATM 232 H HB     . Y  A 1 7  ? -0.186  -1.171 3.017   1.00 1.34 ? 7  Y  A HB     1 
HETATM 233 H HO     . Y  A 1 7  ? 2.158   0.406  1.636   1.00 2.16 ? 7  Y  A HO     1 
HETATM 234 H "HO'"  . Y  A 1 7  ? 1.012   -1.371 -2.096  1.00 2.24 ? 7  Y  A "HO'"  1 
HETATM 235 H HM     . Y  A 1 7  ? 4.507   -0.317 1.242   1.00 2.22 ? 7  Y  A HM     1 
HETATM 236 H "HM'"  . Y  A 1 7  ? 3.365   -2.103 -2.470  1.00 2.27 ? 7  Y  A "HM'"  1 
HETATM 237 H HP     . Y  A 1 7  ? 5.092   -1.579 -0.792  1.00 0.90 ? 7  Y  A HP     1 
ATOM   238 P P      . DG A 1 8  ? -9.039  2.635  -3.549  1.00 0.97 ? 8  DG A P      1 
ATOM   239 O OP1    . DG A 1 8  ? -10.339 3.310  -3.772  1.00 1.40 ? 8  DG A OP1    1 
ATOM   240 O OP2    . DG A 1 8  ? -8.534  1.657  -4.541  1.00 2.05 ? 8  DG A OP2    1 
ATOM   241 O "O5'"  . DG A 1 8  ? -7.919  3.766  -3.342  1.00 0.89 ? 8  DG A "O5'"  1 
ATOM   242 C "C5'"  . DG A 1 8  ? -8.174  4.897  -2.509  1.00 0.92 ? 8  DG A "C5'"  1 
ATOM   243 C "C4'"  . DG A 1 8  ? -7.098  5.951  -2.697  1.00 0.80 ? 8  DG A "C4'"  1 
ATOM   244 O "O4'"  . DG A 1 8  ? -5.834  5.487  -2.170  1.00 0.73 ? 8  DG A "O4'"  1 
ATOM   245 C "C3'"  . DG A 1 8  ? -6.910  6.253  -4.180  1.00 0.75 ? 8  DG A "C3'"  1 
ATOM   246 O "O3'"  . DG A 1 8  ? -7.206  7.634  -4.451  1.00 0.80 ? 8  DG A "O3'"  1 
ATOM   247 C "C2'"  . DG A 1 8  ? -5.466  5.904  -4.480  1.00 0.65 ? 8  DG A "C2'"  1 
ATOM   248 C "C1'"  . DG A 1 8  ? -4.789  5.726  -3.131  1.00 0.63 ? 8  DG A "C1'"  1 
ATOM   249 N N9     . DG A 1 8  ? -3.806  4.616  -3.141  1.00 0.57 ? 8  DG A N9     1 
ATOM   250 C C8     . DG A 1 8  ? -3.965  3.307  -3.468  1.00 0.55 ? 8  DG A C8     1 
ATOM   251 N N7     . DG A 1 8  ? -2.937  2.530  -3.344  1.00 0.52 ? 8  DG A N7     1 
ATOM   252 C C5     . DG A 1 8  ? -1.964  3.417  -2.876  1.00 0.52 ? 8  DG A C5     1 
ATOM   253 C C6     . DG A 1 8  ? -0.602  3.182  -2.538  1.00 0.53 ? 8  DG A C6     1 
ATOM   254 O O6     . DG A 1 8  ? 0.025   2.124  -2.575  1.00 0.55 ? 8  DG A O6     1 
ATOM   255 N N1     . DG A 1 8  ? 0.025   4.345  -2.114  1.00 0.56 ? 8  DG A N1     1 
ATOM   256 C C2     . DG A 1 8  ? -0.576  5.585  -2.020  1.00 0.57 ? 8  DG A C2     1 
ATOM   257 N N2     . DG A 1 8  ? 0.196   6.588  -1.604  1.00 0.60 ? 8  DG A N2     1 
ATOM   258 N N3     . DG A 1 8  ? -1.854  5.813  -2.333  1.00 0.56 ? 8  DG A N3     1 
ATOM   259 C C4     . DG A 1 8  ? -2.488  4.694  -2.749  1.00 0.54 ? 8  DG A C4     1 
ATOM   260 H "H5'"  . DG A 1 8  ? -8.188  4.580  -1.466  1.00 0.98 ? 8  DG A "H5'"  1 
ATOM   261 H "H5''" . DG A 1 8  ? -9.144  5.322  -2.769  1.00 0.99 ? 8  DG A "H5''" 1 
ATOM   262 H "H4'"  . DG A 1 8  ? -7.390  6.864  -2.178  1.00 0.86 ? 8  DG A "H4'"  1 
ATOM   263 H "H3'"  . DG A 1 8  ? -7.566  5.606  -4.768  1.00 0.80 ? 8  DG A "H3'"  1 
ATOM   264 H "H2'"  . DG A 1 8  ? -5.424  4.970  -5.043  1.00 0.63 ? 8  DG A "H2'"  1 
ATOM   265 H "H2''" . DG A 1 8  ? -4.984  6.702  -5.044  1.00 0.64 ? 8  DG A "H2''" 1 
ATOM   266 H "H1'"  . DG A 1 8  ? -4.276  6.652  -2.871  1.00 0.64 ? 8  DG A "H1'"  1 
ATOM   267 H H8     . DG A 1 8  ? -4.918  2.924  -3.832  1.00 0.58 ? 8  DG A H8     1 
ATOM   268 H H1     . DG A 1 8  ? 0.999   4.254  -1.863  1.00 0.59 ? 8  DG A H1     1 
ATOM   269 H H21    . DG A 1 8  ? 1.164   6.418  -1.370  1.00 0.62 ? 8  DG A H21    1 
ATOM   270 H H22    . DG A 1 8  ? -0.187  7.519  -1.521  1.00 0.62 ? 8  DG A H22    1 
ATOM   271 P P      . DA A 1 9  ? -6.914  8.290  -5.893  1.00 1.24 ? 9  DA A P      1 
ATOM   272 O OP1    . DA A 1 9  ? -7.751  9.509  -6.027  1.00 2.07 ? 9  DA A OP1    1 
ATOM   273 O OP2    . DA A 1 9  ? -6.989  7.223  -6.920  1.00 2.10 ? 9  DA A OP2    1 
ATOM   274 O "O5'"  . DA A 1 9  ? -5.378  8.745  -5.749  1.00 1.00 ? 9  DA A "O5'"  1 
ATOM   275 C "C5'"  . DA A 1 9  ? -4.999  9.761  -4.815  1.00 1.04 ? 9  DA A "C5'"  1 
ATOM   276 C "C4'"  . DA A 1 9  ? -3.528  10.123 -4.966  1.00 0.91 ? 9  DA A "C4'"  1 
ATOM   277 O "O4'"  . DA A 1 9  ? -2.696  8.988  -4.645  1.00 0.77 ? 9  DA A "O4'"  1 
ATOM   278 C "C3'"  . DA A 1 9  ? -3.216  10.555 -6.396  1.00 0.86 ? 9  DA A "C3'"  1 
ATOM   279 O "O3'"  . DA A 1 9  ? -2.633  11.873 -6.391  1.00 0.99 ? 9  DA A "O3'"  1 
ATOM   280 C "C2'"  . DA A 1 9  ? -2.268  9.505  -6.933  1.00 0.71 ? 9  DA A "C2'"  1 
ATOM   281 C "C1'"  . DA A 1 9  ? -1.785  8.716  -5.728  1.00 0.64 ? 9  DA A "C1'"  1 
ATOM   282 N N9     . DA A 1 9  ? -1.720  7.263  -6.000  1.00 0.51 ? 9  DA A N9     1 
ATOM   283 C C8     . DA A 1 9  ? -2.618  6.443  -6.606  1.00 0.51 ? 9  DA A C8     1 
ATOM   284 N N7     . DA A 1 9  ? -2.345  5.180  -6.638  1.00 0.41 ? 9  DA A N7     1 
ATOM   285 C C5     . DA A 1 9  ? -1.114  5.141  -5.978  1.00 0.35 ? 9  DA A C5     1 
ATOM   286 C C6     . DA A 1 9  ? -0.242  4.093  -5.656  1.00 0.35 ? 9  DA A C6     1 
ATOM   287 N N6     . DA A 1 9  ? -0.495  2.817  -5.944  1.00 0.40 ? 9  DA A N6     1 
ATOM   288 N N1     . DA A 1 9  ? 0.891   4.410  -5.005  1.00 0.38 ? 9  DA A N1     1 
ATOM   289 C C2     . DA A 1 9  ? 1.155   5.677  -4.684  1.00 0.37 ? 9  DA A C2     1 
ATOM   290 N N3     . DA A 1 9  ? 0.403   6.742  -4.939  1.00 0.39 ? 9  DA A N3     1 
ATOM   291 C C4     . DA A 1 9  ? -0.725  6.403  -5.593  1.00 0.40 ? 9  DA A C4     1 
ATOM   292 H "H5'"  . DA A 1 9  ? -5.171  9.396  -3.801  1.00 1.15 ? 9  DA A "H5'"  1 
ATOM   293 H "H5''" . DA A 1 9  ? -5.606  10.651 -4.983  1.00 1.15 ? 9  DA A "H5''" 1 
ATOM   294 H "H4'"  . DA A 1 9  ? -3.288  10.940 -4.288  1.00 1.04 ? 9  DA A "H4'"  1 
ATOM   295 H "H3'"  . DA A 1 9  ? -4.132  10.552 -6.993  1.00 0.92 ? 9  DA A "H3'"  1 
ATOM   296 H "H2'"  . DA A 1 9  ? -2.802  8.847  -7.621  1.00 0.71 ? 9  DA A "H2'"  1 
ATOM   297 H "H2''" . DA A 1 9  ? -1.426  9.970  -7.442  1.00 0.72 ? 9  DA A "H2''" 1 
ATOM   298 H "H1'"  . DA A 1 9  ? -0.794  9.069  -5.448  1.00 0.66 ? 9  DA A "H1'"  1 
ATOM   299 H H8     . DA A 1 9  ? -3.531  6.836  -7.054  1.00 0.60 ? 9  DA A H8     1 
ATOM   300 H H61    . DA A 1 9  ? 0.170   2.100  -5.686  1.00 0.48 ? 9  DA A H61    1 
ATOM   301 H H62    . DA A 1 9  ? -1.350  2.564  -6.418  1.00 0.40 ? 9  DA A H62    1 
ATOM   302 H H2     . DA A 1 9  ? 2.094   5.861  -4.163  1.00 0.42 ? 9  DA A H2     1 
ATOM   303 P P      . DA A 1 10 ? -1.878  12.485 -7.680  1.00 0.63 ? 10 DA A P      1 
ATOM   304 O OP1    . DA A 1 10 ? -1.679  13.935 -7.447  1.00 1.31 ? 10 DA A OP1    1 
ATOM   305 O OP2    . DA A 1 10 ? -2.577  12.021 -8.906  1.00 1.61 ? 10 DA A OP2    1 
ATOM   306 O "O5'"  . DA A 1 10 ? -0.440  11.766 -7.597  1.00 0.64 ? 10 DA A "O5'"  1 
ATOM   307 C "C5'"  . DA A 1 10 ? 0.463   12.101 -6.538  1.00 0.76 ? 10 DA A "C5'"  1 
ATOM   308 C "C4'"  . DA A 1 10 ? 1.861   11.560 -6.799  1.00 0.80 ? 10 DA A "C4'"  1 
ATOM   309 O "O4'"  . DA A 1 10 ? 1.855   10.112 -6.827  1.00 0.73 ? 10 DA A "O4'"  1 
ATOM   310 C "C3'"  . DA A 1 10 ? 2.365   12.051 -8.147  1.00 0.80 ? 10 DA A "C3'"  1 
ATOM   311 O "O3'"  . DA A 1 10 ? 3.705   12.553 -8.034  1.00 0.89 ? 10 DA A "O3'"  1 
ATOM   312 C "C2'"  . DA A 1 10 ? 2.290   10.845 -9.051  1.00 0.73 ? 10 DA A "C2'"  1 
ATOM   313 C "C1'"  . DA A 1 10 ? 2.285   9.642  -8.122  1.00 0.70 ? 10 DA A "C1'"  1 
ATOM   314 N N9     . DA A 1 10 ? 1.409   8.540  -8.596  1.00 0.63 ? 10 DA A N9     1 
ATOM   315 C C8     . DA A 1 10 ? 0.216   8.569  -9.249  1.00 0.68 ? 10 DA A C8     1 
ATOM   316 N N7     . DA A 1 10 ? -0.354  7.433  -9.502  1.00 0.66 ? 10 DA A N7     1 
ATOM   317 C C5     . DA A 1 10 ? 0.560   6.528  -8.952  1.00 0.58 ? 10 DA A C5     1 
ATOM   318 C C6     . DA A 1 10 ? 0.580   5.129  -8.864  1.00 0.57 ? 10 DA A C6     1 
ATOM   319 N N6     . DA A 1 10 ? -0.389  4.348  -9.347  1.00 0.61 ? 10 DA A N6     1 
ATOM   320 N N1     . DA A 1 10 ? 1.637   4.564  -8.256  1.00 0.60 ? 10 DA A N1     1 
ATOM   321 C C2     . DA A 1 10 ? 2.618   5.320  -7.762  1.00 0.64 ? 10 DA A C2     1 
ATOM   322 N N3     . DA A 1 10 ? 2.701   6.645  -7.790  1.00 0.63 ? 10 DA A N3     1 
ATOM   323 C C4     . DA A 1 10 ? 1.632   7.193  -8.403  1.00 0.59 ? 10 DA A C4     1 
ATOM   324 H "H5'"  . DA A 1 10 ? 0.087   11.685 -5.604  1.00 0.78 ? 10 DA A "H5'"  1 
ATOM   325 H "H5''" . DA A 1 10 ? 0.514   13.186 -6.452  1.00 0.86 ? 10 DA A "H5''" 1 
ATOM   326 H "H4'"  . DA A 1 10 ? 2.536   11.900 -6.013  1.00 0.93 ? 10 DA A "H4'"  1 
ATOM   327 H "H3'"  . DA A 1 10 ? 1.704   12.837 -8.521  1.00 0.81 ? 10 DA A "H3'"  1 
ATOM   328 H "H2'"  . DA A 1 10 ? 1.370   10.883 -9.630  1.00 0.69 ? 10 DA A "H2'"  1 
ATOM   329 H "H2''" . DA A 1 10 ? 3.153   10.810 -9.716  1.00 0.79 ? 10 DA A "H2''" 1 
ATOM   330 H "H1'"  . DA A 1 10 ? 3.305   9.267  -8.035  1.00 0.74 ? 10 DA A "H1'"  1 
ATOM   331 H H8     . DA A 1 10 ? -0.244  9.509  -9.550  1.00 0.77 ? 10 DA A H8     1 
ATOM   332 H H61    . DA A 1 10 ? -0.322  3.343  -9.254  1.00 0.63 ? 10 DA A H61    1 
ATOM   333 H H62    . DA A 1 10 ? -1.190  4.761  -9.803  1.00 0.67 ? 10 DA A H62    1 
ATOM   334 H H2     . DA A 1 10 ? 3.444   4.793  -7.284  1.00 0.73 ? 10 DA A H2     1 
ATOM   335 P P      . DG A 1 11 ? 4.538   13.027 -9.333  1.00 1.59 ? 11 DG A P      1 
ATOM   336 O OP1    . DG A 1 11 ? 5.457   14.119 -8.920  1.00 2.54 ? 11 DG A OP1    1 
ATOM   337 O OP2    . DG A 1 11 ? 3.590   13.229 -10.461 1.00 2.35 ? 11 DG A OP2    1 
ATOM   338 O "O5'"  . DG A 1 11 ? 5.431   11.730 -9.650  1.00 1.26 ? 11 DG A "O5'"  1 
ATOM   339 C "C5'"  . DG A 1 11 ? 6.538   11.418 -8.811  1.00 1.37 ? 11 DG A "C5'"  1 
ATOM   340 C "C4'"  . DG A 1 11 ? 7.485   10.441 -9.489  1.00 1.18 ? 11 DG A "C4'"  1 
ATOM   341 O "O4'"  . DG A 1 11 ? 6.931   9.108  -9.492  1.00 1.04 ? 11 DG A "O4'"  1 
ATOM   342 C "C3'"  . DG A 1 11 ? 7.725   10.865 -10.929 1.00 1.20 ? 11 DG A "C3'"  1 
ATOM   343 O "O3'"  . DG A 1 11 ? 9.123   10.979 -11.197 1.00 1.26 ? 11 DG A "O3'"  1 
ATOM   344 C "C2'"  . DG A 1 11 ? 7.089   9.793  -11.779 1.00 1.11 ? 11 DG A "C2'"  1 
ATOM   345 C "C1'"  . DG A 1 11 ? 6.772   8.634  -10.845 1.00 1.00 ? 11 DG A "C1'"  1 
ATOM   346 N N9     . DG A 1 11 ? 5.400   8.120  -11.057 1.00 0.90 ? 11 DG A N9     1 
ATOM   347 C C8     . DG A 1 11 ? 4.242   8.792  -11.279 1.00 0.88 ? 11 DG A C8     1 
ATOM   348 N N7     . DG A 1 11 ? 3.166   8.095  -11.441 1.00 0.84 ? 11 DG A N7     1 
ATOM   349 C C5     . DG A 1 11 ? 3.650   6.789  -11.316 1.00 0.82 ? 11 DG A C5     1 
ATOM   350 C C6     . DG A 1 11 ? 2.957   5.552  -11.392 1.00 0.81 ? 11 DG A C6     1 
ATOM   351 O O6     . DG A 1 11 ? 1.762   5.357  -11.600 1.00 0.84 ? 11 DG A O6     1 
ATOM   352 N N1     . DG A 1 11 ? 3.816   4.476  -11.210 1.00 0.81 ? 11 DG A N1     1 
ATOM   353 C C2     . DG A 1 11 ? 5.174   4.572  -10.975 1.00 0.82 ? 11 DG A C2     1 
ATOM   354 N N2     . DG A 1 11 ? 5.833   3.422  -10.818 1.00 0.83 ? 11 DG A N2     1 
ATOM   355 N N3     . DG A 1 11 ? 5.833   5.731  -10.900 1.00 0.85 ? 11 DG A N3     1 
ATOM   356 C C4     . DG A 1 11 ? 5.015   6.796  -11.075 1.00 0.85 ? 11 DG A C4     1 
ATOM   357 H "H5'"  . DG A 1 11 ? 6.166   10.978 -7.887  1.00 1.73 ? 11 DG A "H5'"  1 
ATOM   358 H "H5''" . DG A 1 11 ? 7.078   12.336 -8.581  1.00 1.66 ? 11 DG A "H5''" 1 
ATOM   359 H "H4'"  . DG A 1 11 ? 8.433   10.434 -8.953  1.00 1.22 ? 11 DG A "H4'"  1 
ATOM   360 H "H3'"  . DG A 1 11 ? 7.231   11.822 -11.116 1.00 1.28 ? 11 DG A "H3'"  1 
ATOM   361 H "HO3'" . DG A 1 11 ? 9.433   11.772 -10.746 1.00 1.27 ? 11 DG A "HO3'" 1 
ATOM   362 H "H2'"  . DG A 1 11 ? 6.170   10.174 -12.228 1.00 1.11 ? 11 DG A "H2'"  1 
ATOM   363 H "H2''" . DG A 1 11 ? 7.780   9.471  -12.558 1.00 1.16 ? 11 DG A "H2''" 1 
ATOM   364 H "H1'"  . DG A 1 11 ? 7.484   7.828  -11.027 1.00 1.03 ? 11 DG A "H1'"  1 
ATOM   365 H H8     . DG A 1 11 ? 4.219   9.880  -11.315 1.00 0.92 ? 11 DG A H8     1 
ATOM   366 H H1     . DG A 1 11 ? 3.393   3.561  -11.263 1.00 0.82 ? 11 DG A H1     1 
ATOM   367 H H21    . DG A 1 11 ? 5.339   2.544  -10.888 1.00 0.82 ? 11 DG A H21    1 
ATOM   368 H H22    . DG A 1 11 ? 6.827   3.431  -10.640 1.00 0.86 ? 11 DG A H22    1 
ATOM   369 O "O5'"  . DC B 2 1  ? 1.872   -2.614 -15.447 1.00 1.86 ? 12 DC B "O5'"  1 
ATOM   370 C "C5'"  . DC B 2 1  ? 3.233   -3.003 -15.629 1.00 1.48 ? 12 DC B "C5'"  1 
ATOM   371 C "C4'"  . DC B 2 1  ? 4.106   -2.542 -14.464 1.00 1.32 ? 12 DC B "C4'"  1 
ATOM   372 O "O4'"  . DC B 2 1  ? 3.938   -1.119 -14.255 1.00 1.21 ? 12 DC B "O4'"  1 
ATOM   373 C "C3'"  . DC B 2 1  ? 3.723   -3.245 -13.163 1.00 1.23 ? 12 DC B "C3'"  1 
ATOM   374 O "O3'"  . DC B 2 1  ? 4.907   -3.655 -12.422 1.00 1.21 ? 12 DC B "O3'"  1 
ATOM   375 C "C2'"  . DC B 2 1  ? 2.955   -2.210 -12.403 1.00 1.08 ? 12 DC B "C2'"  1 
ATOM   376 C "C1'"  . DC B 2 1  ? 3.502   -0.896 -12.902 1.00 1.06 ? 12 DC B "C1'"  1 
ATOM   377 N N1     . DC B 2 1  ? 2.496   0.179  -12.792 1.00 1.01 ? 12 DC B N1     1 
ATOM   378 C C2     . DC B 2 1  ? 2.886   1.327  -12.123 1.00 0.90 ? 12 DC B C2     1 
ATOM   379 O O2     . DC B 2 1  ? 4.039   1.444  -11.713 1.00 0.86 ? 12 DC B O2     1 
ATOM   380 N N3     . DC B 2 1  ? 1.968   2.309  -11.936 1.00 0.87 ? 12 DC B N3     1 
ATOM   381 C C4     . DC B 2 1  ? 0.717   2.176  -12.387 1.00 0.95 ? 12 DC B C4     1 
ATOM   382 N N4     . DC B 2 1  ? -0.148  3.165  -12.186 1.00 0.94 ? 12 DC B N4     1 
ATOM   383 C C5     . DC B 2 1  ? 0.306   0.996  -13.084 1.00 1.06 ? 12 DC B C5     1 
ATOM   384 C C6     . DC B 2 1  ? 1.223   0.027  -13.268 1.00 1.08 ? 12 DC B C6     1 
ATOM   385 H "H5'"  . DC B 2 1  ? 3.608   -2.553 -16.550 1.00 1.44 ? 12 DC B "H5'"  1 
ATOM   386 H "H5''" . DC B 2 1  ? 3.286   -4.090 -15.716 1.00 1.83 ? 12 DC B "H5''" 1 
ATOM   387 H "H4'"  . DC B 2 1  ? 5.152   -2.750 -14.693 1.00 1.36 ? 12 DC B "H4'"  1 
ATOM   388 H "H3'"  . DC B 2 1  ? 3.089   -4.112 -13.374 1.00 1.31 ? 12 DC B "H3'"  1 
ATOM   389 H "H2'"  . DC B 2 1  ? 1.889   -2.290 -12.633 1.00 1.10 ? 12 DC B "H2'"  1 
ATOM   390 H "H2''" . DC B 2 1  ? 3.122   -2.311 -11.333 1.00 0.99 ? 12 DC B "H2''" 1 
ATOM   391 H "H1'"  . DC B 2 1  ? 4.370   -0.630 -12.297 1.00 1.00 ? 12 DC B "H1'"  1 
ATOM   392 H H41    . DC B 2 1  ? 0.145   3.997  -11.693 1.00 0.87 ? 12 DC B H41    1 
ATOM   393 H H42    . DC B 2 1  ? -1.095  3.087  -12.527 1.00 1.00 ? 12 DC B H42    1 
ATOM   394 H H5     . DC B 2 1  ? -0.720  0.881  -13.439 1.00 1.13 ? 12 DC B H5     1 
ATOM   395 H H6     . DC B 2 1  ? 0.949   -0.878 -13.812 1.00 1.17 ? 12 DC B H6     1 
ATOM   396 H "HO5'" . DC B 2 1  ? 1.877   -1.674 -15.234 1.00 2.07 ? 12 DC B "HO5'" 1 
ATOM   397 P P      . DT B 2 2  ? 4.754   -4.367 -10.961 1.00 1.12 ? 13 DT B P      1 
ATOM   398 O OP1    . DT B 2 2  ? 5.940   -4.701 -10.135 1.00 2.02 ? 13 DT B OP1    1 
ATOM   399 O OP2    . DT B 2 2  ? 4.666   -5.431 -12.000 1.00 1.37 ? 13 DT B OP2    1 
ATOM   400 O "O5'"  . DT B 2 2  ? 5.139   -2.805 -10.893 1.00 0.98 ? 13 DT B "O5'"  1 
ATOM   401 C "C5'"  . DT B 2 2  ? 6.557   -2.535 -10.976 1.00 1.00 ? 13 DT B "C5'"  1 
ATOM   402 C "C4'"  . DT B 2 2  ? 7.069   -1.431 -10.046 1.00 0.88 ? 13 DT B "C4'"  1 
ATOM   403 O "O4'"  . DT B 2 2  ? 6.247   -0.253 -10.158 1.00 0.77 ? 13 DT B "O4'"  1 
ATOM   404 C "C3'"  . DT B 2 2  ? 7.091   -1.857 -8.565  1.00 0.85 ? 13 DT B "C3'"  1 
ATOM   405 O "O3'"  . DT B 2 2  ? 8.377   -1.571 -7.963  1.00 0.90 ? 13 DT B "O3'"  1 
ATOM   406 C "C2'"  . DT B 2 2  ? 6.022   -1.033 -7.913  1.00 0.72 ? 13 DT B "C2'"  1 
ATOM   407 C "C1'"  . DT B 2 2  ? 5.758   0.128  -8.856  1.00 0.66 ? 13 DT B "C1'"  1 
ATOM   408 N N1     . DT B 2 2  ? 4.320   0.447  -8.912  1.00 0.61 ? 13 DT B N1     1 
ATOM   409 C C2     . DT B 2 2  ? 3.937   1.748  -8.620  1.00 0.52 ? 13 DT B C2     1 
ATOM   410 O O2     . DT B 2 2  ? 4.740   2.613  -8.285  1.00 0.48 ? 13 DT B O2     1 
ATOM   411 N N3     . DT B 2 2  ? 2.582   2.011  -8.714  1.00 0.54 ? 13 DT B N3     1 
ATOM   412 C C4     . DT B 2 2  ? 1.598   1.107  -9.064  1.00 0.63 ? 13 DT B C4     1 
ATOM   413 O O4     . DT B 2 2  ? 0.421   1.458  -9.130  1.00 0.68 ? 13 DT B O4     1 
ATOM   414 C C5     . DT B 2 2  ? 2.093   -0.223 -9.345  1.00 0.71 ? 13 DT B C5     1 
ATOM   415 C C7     . DT B 2 2  ? 1.114   -1.322 -9.746  1.00 0.85 ? 13 DT B C7     1 
ATOM   416 C C6     . DT B 2 2  ? 3.406   -0.506 -9.262  1.00 0.70 ? 13 DT B C6     1 
ATOM   417 H "H5'"  . DT B 2 2  ? 6.796   -2.275 -12.007 1.00 1.05 ? 13 DT B "H5'"  1 
ATOM   418 H "H5''" . DT B 2 2  ? 7.087   -3.459 -10.725 1.00 1.09 ? 13 DT B "H5''" 1 
ATOM   419 H "H4'"  . DT B 2 2  ? 8.084   -1.180 -10.351 1.00 0.91 ? 13 DT B "H4'"  1 
ATOM   420 H "H3'"  . DT B 2 2  ? 6.857   -2.919 -8.470  1.00 0.93 ? 13 DT B "H3'"  1 
ATOM   421 H "H2'"  . DT B 2 2  ? 5.123   -1.633 -7.790  1.00 0.74 ? 13 DT B "H2'"  1 
ATOM   422 H "H2''" . DT B 2 2  ? 6.363   -0.663 -6.949  1.00 0.69 ? 13 DT B "H2''" 1 
ATOM   423 H "H1'"  . DT B 2 2  ? 6.309   1.001  -8.510  1.00 0.61 ? 13 DT B "H1'"  1 
ATOM   424 H H3     . DT B 2 2  ? 2.286   2.950  -8.510  1.00 0.51 ? 13 DT B H3     1 
ATOM   425 H H71    . DT B 2 2  ? 0.281   -1.341 -9.044  1.00 1.16 ? 13 DT B H71    1 
ATOM   426 H H72    . DT B 2 2  ? 1.626   -2.285 -9.732  1.00 1.47 ? 13 DT B H72    1 
ATOM   427 H H73    . DT B 2 2  ? 0.740   -1.123 -10.752 1.00 1.30 ? 13 DT B H73    1 
ATOM   428 H H6     . DT B 2 2  ? 3.748   -1.519 -9.471  1.00 0.79 ? 13 DT B H6     1 
ATOM   429 P P      . DT B 2 3  ? 8.602   -1.639 -6.352  1.00 1.17 ? 14 DT B P      1 
ATOM   430 O OP1    . DT B 2 3  ? 10.011  -2.001 -6.090  1.00 1.73 ? 14 DT B OP1    1 
ATOM   431 O OP2    . DT B 2 3  ? 7.513   -2.456 -5.761  1.00 2.15 ? 14 DT B OP2    1 
ATOM   432 O "O5'"  . DT B 2 3  ? 8.382   -0.107 -5.878  1.00 0.88 ? 14 DT B "O5'"  1 
ATOM   433 C "C5'"  . DT B 2 3  ? 9.316   0.915  -6.243  1.00 0.87 ? 14 DT B "C5'"  1 
ATOM   434 C "C4'"  . DT B 2 3  ? 8.996   2.244  -5.557  1.00 0.76 ? 14 DT B "C4'"  1 
ATOM   435 O "O4'"  . DT B 2 3  ? 7.659   2.678  -5.901  1.00 0.65 ? 14 DT B "O4'"  1 
ATOM   436 C "C3'"  . DT B 2 3  ? 9.072   2.112  -4.036  1.00 0.75 ? 14 DT B "C3'"  1 
ATOM   437 O "O3'"  . DT B 2 3  ? 9.903   3.156  -3.484  1.00 0.85 ? 14 DT B "O3'"  1 
ATOM   438 C "C2'"  . DT B 2 3  ? 7.641   2.226  -3.566  1.00 0.66 ? 14 DT B "C2'"  1 
ATOM   439 C "C1'"  . DT B 2 3  ? 6.892   2.900  -4.699  1.00 0.60 ? 14 DT B "C1'"  1 
ATOM   440 N N1     . DT B 2 3  ? 5.514   2.377  -4.836  1.00 0.53 ? 14 DT B N1     1 
ATOM   441 C C2     . DT B 2 3  ? 4.487   3.309  -4.827  1.00 0.49 ? 14 DT B C2     1 
ATOM   442 O O2     . DT B 2 3  ? 4.692   4.509  -4.677  1.00 0.50 ? 14 DT B O2     1 
ATOM   443 N N3     . DT B 2 3  ? 3.208   2.808  -4.984  1.00 0.46 ? 14 DT B N3     1 
ATOM   444 C C4     . DT B 2 3  ? 2.868   1.481  -5.146  1.00 0.47 ? 14 DT B C4     1 
ATOM   445 O O4     . DT B 2 3  ? 1.690   1.153  -5.280  1.00 0.47 ? 14 DT B O4     1 
ATOM   446 C C5     . DT B 2 3  ? 3.996   0.577  -5.140  1.00 0.51 ? 14 DT B C5     1 
ATOM   447 C C7     . DT B 2 3  ? 3.748   -0.924 -5.301  1.00 0.56 ? 14 DT B C7     1 
ATOM   448 C C6     . DT B 2 3  ? 5.258   1.038  -4.990  1.00 0.55 ? 14 DT B C6     1 
ATOM   449 H "H5'"  . DT B 2 3  ? 9.275   1.056  -7.322  1.00 0.95 ? 14 DT B "H5'"  1 
ATOM   450 H "H5''" . DT B 2 3  ? 10.321  0.600  -5.962  1.00 0.95 ? 14 DT B "H5''" 1 
ATOM   451 H "H4'"  . DT B 2 3  ? 9.710   2.998  -5.886  1.00 0.84 ? 14 DT B "H4'"  1 
ATOM   452 H "H3'"  . DT B 2 3  ? 9.469   1.131  -3.768  1.00 0.80 ? 14 DT B "H3'"  1 
ATOM   453 H "H2'"  . DT B 2 3  ? 7.232   1.230  -3.387  1.00 0.66 ? 14 DT B "H2'"  1 
ATOM   454 H "H2''" . DT B 2 3  ? 7.574   2.825  -2.660  1.00 0.68 ? 14 DT B "H2''" 1 
ATOM   455 H "H1'"  . DT B 2 3  ? 6.848   3.971  -4.501  1.00 0.60 ? 14 DT B "H1'"  1 
ATOM   456 H H3     . DT B 2 3  ? 2.457   3.475  -4.985  1.00 0.45 ? 14 DT B H3     1 
ATOM   457 H H71    . DT B 2 3  ? 3.731   -1.394 -4.320  1.00 1.26 ? 14 DT B H71    1 
ATOM   458 H H72    . DT B 2 3  ? 4.546   -1.361 -5.899  1.00 1.07 ? 14 DT B H72    1 
ATOM   459 H H73    . DT B 2 3  ? 2.790   -1.082 -5.798  1.00 1.11 ? 14 DT B H73    1 
ATOM   460 H H6     . DT B 2 3  ? 6.088   0.330  -4.984  1.00 0.60 ? 14 DT B H6     1 
ATOM   461 P P      . DC B 2 4  ? 9.819   3.580  -1.926  1.00 0.82 ? 15 DC B P      1 
ATOM   462 O OP1    . DC B 2 4  ? 11.073  4.277  -1.565  1.00 1.37 ? 15 DC B OP1    1 
ATOM   463 O OP2    . DC B 2 4  ? 9.379   2.400  -1.143  1.00 1.78 ? 15 DC B OP2    1 
ATOM   464 O "O5'"  . DC B 2 4  ? 8.622   4.660  -1.927  1.00 0.73 ? 15 DC B "O5'"  1 
ATOM   465 C "C5'"  . DC B 2 4  ? 8.786   5.939  -2.552  1.00 0.69 ? 15 DC B "C5'"  1 
ATOM   466 C "C4'"  . DC B 2 4  ? 7.729   6.934  -2.079  1.00 0.65 ? 15 DC B "C4'"  1 
ATOM   467 O "O4'"  . DC B 2 4  ? 6.410   6.482  -2.464  1.00 0.61 ? 15 DC B "O4'"  1 
ATOM   468 C "C3'"  . DC B 2 4  ? 7.750   7.081  -0.559  1.00 0.70 ? 15 DC B "C3'"  1 
ATOM   469 O "O3'"  . DC B 2 4  ? 7.770   8.474  -0.190  1.00 0.75 ? 15 DC B "O3'"  1 
ATOM   470 C "C2'"  . DC B 2 4  ? 6.497   6.389  -0.084  1.00 0.68 ? 15 DC B "C2'"  1 
ATOM   471 C "C1'"  . DC B 2 4  ? 5.587   6.296  -1.294  1.00 0.61 ? 15 DC B "C1'"  1 
ATOM   472 N N1     . DC B 2 4  ? 4.876   4.998  -1.351  1.00 0.59 ? 15 DC B N1     1 
ATOM   473 C C2     . DC B 2 4  ? 3.505   5.029  -1.577  1.00 0.57 ? 15 DC B C2     1 
ATOM   474 O O2     . DC B 2 4  ? 2.909   6.101  -1.637  1.00 0.57 ? 15 DC B O2     1 
ATOM   475 N N3     . DC B 2 4  ? 2.846   3.848  -1.705  1.00 0.55 ? 15 DC B N3     1 
ATOM   476 C C4     . DC B 2 4  ? 3.495   2.684  -1.613  1.00 0.58 ? 15 DC B C4     1 
ATOM   477 N N4     . DC B 2 4  ? 2.824   1.551  -1.796  1.00 0.58 ? 15 DC B N4     1 
ATOM   478 C C5     . DC B 2 4  ? 4.904   2.642  -1.369  1.00 0.61 ? 15 DC B C5     1 
ATOM   479 C C6     . DC B 2 4  ? 5.552   3.815  -1.244  1.00 0.61 ? 15 DC B C6     1 
ATOM   480 H "H5'"  . DC B 2 4  ? 8.703   5.818  -3.633  1.00 0.69 ? 15 DC B "H5'"  1 
ATOM   481 H "H5''" . DC B 2 4  ? 9.777   6.329  -2.314  1.00 0.74 ? 15 DC B "H5''" 1 
ATOM   482 H "H4'"  . DC B 2 4  ? 7.918   7.906  -2.537  1.00 0.66 ? 15 DC B "H4'"  1 
ATOM   483 H "H3'"  . DC B 2 4  ? 8.626   6.573  -0.149  1.00 0.76 ? 15 DC B "H3'"  1 
ATOM   484 H "H2'"  . DC B 2 4  ? 6.748   5.390  0.273   1.00 0.71 ? 15 DC B "H2'"  1 
ATOM   485 H "H2''" . DC B 2 4  ? 6.015   6.959  0.709   1.00 0.70 ? 15 DC B "H2''" 1 
ATOM   486 H "H1'"  . DC B 2 4  ? 4.854   7.102  -1.248  1.00 0.61 ? 15 DC B "H1'"  1 
ATOM   487 H H41    . DC B 2 4  ? 1.830   1.577  -1.974  1.00 0.56 ? 15 DC B H41    1 
ATOM   488 H H42    . DC B 2 4  ? 3.307   0.666  -1.758  1.00 0.61 ? 15 DC B H42    1 
ATOM   489 H H5     . DC B 2 4  ? 5.432   1.692  -1.276  1.00 0.64 ? 15 DC B H5     1 
ATOM   490 H H6     . DC B 2 4  ? 6.624   3.820  -1.050  1.00 0.64 ? 15 DC B H6     1 
ATOM   491 P P      . DT B 2 5  ? 7.395   8.965  1.305   1.00 1.03 ? 16 DT B P      1 
ATOM   492 O OP1    . DT B 2 5  ? 7.958   10.321 1.504   1.00 1.32 ? 16 DT B OP1    1 
ATOM   493 O OP2    . DT B 2 5  ? 7.734   7.878  2.257   1.00 2.23 ? 16 DT B OP2    1 
ATOM   494 O "O5'"  . DT B 2 5  ? 5.791   9.083  1.238   1.00 0.88 ? 16 DT B "O5'"  1 
ATOM   495 C "C5'"  . DT B 2 5  ? 5.163   10.174 0.567   1.00 0.90 ? 16 DT B "C5'"  1 
ATOM   496 C "C4'"  . DT B 2 5  ? 3.669   10.232 0.885   1.00 0.82 ? 16 DT B "C4'"  1 
ATOM   497 O "O4'"  . DT B 2 5  ? 3.012   9.020  0.451   1.00 0.75 ? 16 DT B "O4'"  1 
ATOM   498 C "C3'"  . DT B 2 5  ? 3.431   10.381 2.388   1.00 0.76 ? 16 DT B "C3'"  1 
ATOM   499 O "O3'"  . DT B 2 5  ? 2.714   11.591 2.663   1.00 0.79 ? 16 DT B "O3'"  1 
ATOM   500 C "C2'"  . DT B 2 5  ? 2.646   9.156  2.790   1.00 0.72 ? 16 DT B "C2'"  1 
ATOM   501 C "C1'"  . DT B 2 5  ? 2.157   8.537  1.502   1.00 0.71 ? 16 DT B "C1'"  1 
ATOM   502 N N1     . DT B 2 5  ? 2.181   7.065  1.582   1.00 0.67 ? 16 DT B N1     1 
ATOM   503 C C2     . DT B 2 5  ? 0.994   6.409  1.318   1.00 0.65 ? 16 DT B C2     1 
ATOM   504 O O2     . DT B 2 5  ? -0.053  7.011  1.108   1.00 0.65 ? 16 DT B O2     1 
ATOM   505 N N3     . DT B 2 5  ? 1.045   5.031  1.333   1.00 0.63 ? 16 DT B N3     1 
ATOM   506 C C4     . DT B 2 5  ? 2.161   4.263  1.596   1.00 0.63 ? 16 DT B C4     1 
ATOM   507 O O4     . DT B 2 5  ? 2.090   3.036  1.581   1.00 0.63 ? 16 DT B O4     1 
ATOM   508 C C5     . DT B 2 5  ? 3.354   5.029  1.875   1.00 0.65 ? 16 DT B C5     1 
ATOM   509 C C7     . DT B 2 5  ? 4.655   4.293  2.196   1.00 0.66 ? 16 DT B C7     1 
ATOM   510 C C6     . DT B 2 5  ? 3.333   6.376  1.861   1.00 0.67 ? 16 DT B C6     1 
ATOM   511 H "H5'"  . DT B 2 5  ? 5.294   10.051 -0.511  1.00 1.12 ? 16 DT B "H5'"  1 
ATOM   512 H "H5''" . DT B 2 5  ? 5.637   11.106 0.878   1.00 1.24 ? 16 DT B "H5''" 1 
ATOM   513 H "H4'"  . DT B 2 5  ? 3.229   11.082 0.360   1.00 0.91 ? 16 DT B "H4'"  1 
ATOM   514 H "H3'"  . DT B 2 5  ? 4.390   10.392 2.906   1.00 0.76 ? 16 DT B "H3'"  1 
ATOM   515 H "H2'"  . DT B 2 5  ? 3.300   8.455  3.303   1.00 0.71 ? 16 DT B "H2'"  1 
ATOM   516 H "H2''" . DT B 2 5  ? 1.797   9.415  3.423   1.00 0.72 ? 16 DT B "H2''" 1 
ATOM   517 H "H1'"  . DT B 2 5  ? 1.136   8.864  1.310   1.00 0.72 ? 16 DT B "H1'"  1 
ATOM   518 H H3     . DT B 2 5  ? 0.188   4.543  1.139   1.00 0.62 ? 16 DT B H3     1 
ATOM   519 H H71    . DT B 2 5  ? 4.512   3.224  2.045   1.00 1.36 ? 16 DT B H71    1 
ATOM   520 H H72    . DT B 2 5  ? 4.932   4.479  3.233   1.00 1.21 ? 16 DT B H72    1 
ATOM   521 H H73    . DT B 2 5  ? 5.444   4.649  1.540   1.00 1.08 ? 16 DT B H73    1 
ATOM   522 H H6     . DT B 2 5  ? 4.247   6.930  2.092   1.00 0.69 ? 16 DT B H6     1 
ATOM   523 P P      . DT B 2 6  ? 1.966   11.846 4.071   1.00 0.77 ? 17 DT B P      1 
ATOM   524 O OP1    . DT B 2 6  ? 1.839   13.305 4.264   1.00 1.73 ? 17 DT B OP1    1 
ATOM   525 O OP2    . DT B 2 6  ? 2.611   10.998 5.104   1.00 1.21 ? 17 DT B OP2    1 
ATOM   526 O "O5'"  . DT B 2 6  ? 0.484   11.262 3.789   1.00 0.82 ? 17 DT B "O5'"  1 
ATOM   527 C "C5'"  . DT B 2 6  ? -0.383  11.871 2.820   1.00 0.84 ? 17 DT B "C5'"  1 
ATOM   528 C "C4'"  . DT B 2 6  ? -1.794  11.303 2.917   1.00 0.75 ? 17 DT B "C4'"  1 
ATOM   529 O "O4'"  . DT B 2 6  ? -1.804  9.904  2.549   1.00 0.75 ? 17 DT B "O4'"  1 
ATOM   530 C "C3'"  . DT B 2 6  ? -2.344  11.425 4.336   1.00 0.74 ? 17 DT B "C3'"  1 
ATOM   531 O "O3'"  . DT B 2 6  ? -3.640  12.058 4.312   1.00 0.79 ? 17 DT B "O3'"  1 
ATOM   532 C "C2'"  . DT B 2 6  ? -2.425  10.008 4.843   1.00 0.67 ? 17 DT B "C2'"  1 
ATOM   533 C "C1'"  . DT B 2 6  ? -2.394  9.123  3.610   1.00 0.69 ? 17 DT B "C1'"  1 
ATOM   534 N N1     . DT B 2 6  ? -1.625  7.884  3.854   1.00 0.66 ? 17 DT B N1     1 
ATOM   535 C C2     . DT B 2 6  ? -2.221  6.685  3.495   1.00 0.66 ? 17 DT B C2     1 
ATOM   536 O O2     . DT B 2 6  ? -3.353  6.629  3.023   1.00 0.68 ? 17 DT B O2     1 
ATOM   537 N N3     . DT B 2 6  ? -1.470  5.546  3.714   1.00 0.65 ? 17 DT B N3     1 
ATOM   538 C C4     . DT B 2 6  ? -0.200  5.500  4.254   1.00 0.66 ? 17 DT B C4     1 
ATOM   539 O O4     . DT B 2 6  ? 0.388   4.429  4.386   1.00 0.67 ? 17 DT B O4     1 
ATOM   540 C C5     . DT B 2 6  ? 0.337   6.791  4.605   1.00 0.66 ? 17 DT B C5     1 
ATOM   541 C C7     . DT B 2 6  ? 1.725   6.879  5.232   1.00 0.68 ? 17 DT B C7     1 
ATOM   542 C C6     . DT B 2 6  ? -0.369  7.920  4.401   1.00 0.65 ? 17 DT B C6     1 
ATOM   543 H "H5'"  . DT B 2 6  ? 0.005   11.674 1.817   1.00 1.00 ? 17 DT B "H5'"  1 
ATOM   544 H "H5''" . DT B 2 6  ? -0.414  12.948 2.981   1.00 1.18 ? 17 DT B "H5''" 1 
ATOM   545 H "H4'"  . DT B 2 6  ? -2.448  11.851 2.233   1.00 0.78 ? 17 DT B "H4'"  1 
ATOM   546 H "H3'"  . DT B 2 6  ? -1.655  12.001 4.953   1.00 0.79 ? 17 DT B "H3'"  1 
ATOM   547 H "H2'"  . DT B 2 6  ? -1.560  9.800  5.472   1.00 0.67 ? 17 DT B "H2'"  1 
ATOM   548 H "H2''" . DT B 2 6  ? -3.342  9.845  5.402   1.00 0.67 ? 17 DT B "H2''" 1 
ATOM   549 H "H1'"  . DT B 2 6  ? -3.412  8.865  3.332   1.00 0.72 ? 17 DT B "H1'"  1 
ATOM   550 H H3     . DT B 2 6  ? -1.892  4.665  3.463   1.00 0.66 ? 17 DT B H3     1 
ATOM   551 H H71    . DT B 2 6  ? 2.167   5.887  5.282   1.00 1.02 ? 17 DT B H71    1 
ATOM   552 H H72    . DT B 2 6  ? 1.644   7.294  6.236   1.00 1.47 ? 17 DT B H72    1 
ATOM   553 H H73    . DT B 2 6  ? 2.353   7.526  4.628   1.00 1.17 ? 17 DT B H73    1 
ATOM   554 H H6     . DT B 2 6  ? 0.065   8.879  4.681   1.00 0.66 ? 17 DT B H6     1 
ATOM   555 P P      . DG B 2 7  ? -4.621  12.011 5.592   1.00 0.91 ? 18 DG B P      1 
ATOM   556 O OP1    . DG B 2 7  ? -5.699  13.004 5.386   1.00 1.66 ? 18 DG B OP1    1 
ATOM   557 O OP2    . DG B 2 7  ? -3.791  12.067 6.821   1.00 1.68 ? 18 DG B OP2    1 
ATOM   558 O "O5'"  . DG B 2 7  ? -5.252  10.533 5.487   1.00 0.89 ? 18 DG B "O5'"  1 
ATOM   559 C "C5'"  . DG B 2 7  ? -6.153  10.181 4.431   1.00 0.77 ? 18 DG B "C5'"  1 
ATOM   560 C "C4'"  . DG B 2 7  ? -6.957  8.932  4.791   1.00 0.70 ? 18 DG B "C4'"  1 
ATOM   561 O "O4'"  . DG B 2 7  ? -6.094  7.772  4.846   1.00 0.69 ? 18 DG B "O4'"  1 
ATOM   562 C "C3'"  . DG B 2 7  ? -7.624  9.083  6.160   1.00 0.70 ? 18 DG B "C3'"  1 
ATOM   563 O "O3'"  . DG B 2 7  ? -9.022  8.746  6.069   1.00 0.78 ? 18 DG B "O3'"  1 
ATOM   564 C "C2'"  . DG B 2 7  ? -6.859  8.146  7.067   1.00 0.62 ? 18 DG B "C2'"  1 
ATOM   565 C "C1'"  . DG B 2 7  ? -6.172  7.158  6.149   1.00 0.61 ? 18 DG B "C1'"  1 
ATOM   566 N N9     . DG B 2 7  ? -4.832  6.807  6.645   1.00 0.58 ? 18 DG B N9     1 
ATOM   567 C C8     . DG B 2 7  ? -3.860  7.601  7.154   1.00 0.60 ? 18 DG B C8     1 
ATOM   568 N N7     . DG B 2 7  ? -2.747  7.041  7.490   1.00 0.63 ? 18 DG B N7     1 
ATOM   569 C C5     . DG B 2 7  ? -2.994  5.703  7.170   1.00 0.61 ? 18 DG B C5     1 
ATOM   570 C C6     . DG B 2 7  ? -2.160  4.566  7.307   1.00 0.64 ? 18 DG B C6     1 
ATOM   571 O O6     . DG B 2 7  ? -1.006  4.511  7.725   1.00 0.70 ? 18 DG B O6     1 
ATOM   572 N N1     . DG B 2 7  ? -2.795  3.410  6.873   1.00 0.64 ? 18 DG B N1     1 
ATOM   573 C C2     . DG B 2 7  ? -4.081  3.349  6.375   1.00 0.63 ? 18 DG B C2     1 
ATOM   574 N N2     . DG B 2 7  ? -4.520  2.140  6.023   1.00 0.67 ? 18 DG B N2     1 
ATOM   575 N N3     . DG B 2 7  ? -4.873  4.415  6.240   1.00 0.60 ? 18 DG B N3     1 
ATOM   576 C C4     . DG B 2 7  ? -4.274  5.552  6.660   1.00 0.59 ? 18 DG B C4     1 
ATOM   577 H "H5'"  . DG B 2 7  ? -5.581  9.986  3.523   1.00 0.94 ? 18 DG B "H5'"  1 
ATOM   578 H "H5''" . DG B 2 7  ? -6.839  11.011 4.251   1.00 1.02 ? 18 DG B "H5''" 1 
ATOM   579 H "H4'"  . DG B 2 7  ? -7.723  8.766  4.035   1.00 0.75 ? 18 DG B "H4'"  1 
ATOM   580 H "H3'"  . DG B 2 7  ? -7.511  10.108 6.514   1.00 0.76 ? 18 DG B "H3'"  1 
ATOM   581 H "H2'"  . DG B 2 7  ? -6.111  8.709  7.629   1.00 0.62 ? 18 DG B "H2'"  1 
ATOM   582 H "H2''" . DG B 2 7  ? -7.526  7.626  7.751   1.00 0.63 ? 18 DG B "H2''" 1 
ATOM   583 H "H1'"  . DG B 2 7  ? -6.776  6.255  6.080   1.00 0.63 ? 18 DG B "H1'"  1 
ATOM   584 H H8     . DG B 2 7  ? -4.014  8.671  7.283   1.00 0.62 ? 18 DG B H8     1 
ATOM   585 H H1     . DG B 2 7  ? -2.262  2.558  6.947   1.00 0.68 ? 18 DG B H1     1 
ATOM   586 H H21    . DG B 2 7  ? -3.919  1.336  6.124   1.00 0.70 ? 18 DG B H21    1 
ATOM   587 H H22    . DG B 2 7  ? -5.455  2.030  5.657   1.00 0.69 ? 18 DG B H22    1 
ATOM   588 P P      . DT B 2 8  ? -9.866  8.196  7.334   1.00 0.82 ? 19 DT B P      1 
ATOM   589 O OP1    . DT B 2 8  ? -11.316 8.347  7.017   1.00 1.55 ? 19 DT B OP1    1 
ATOM   590 O OP2    . DT B 2 8  ? -9.295  8.806  8.573   1.00 1.55 ? 19 DT B OP2    1 
ATOM   591 O "O5'"  . DT B 2 8  ? -9.511  6.611  7.343   1.00 0.76 ? 19 DT B "O5'"  1 
ATOM   592 C "C5'"  . DT B 2 8  ? -9.896  5.757  6.248   1.00 0.83 ? 19 DT B "C5'"  1 
ATOM   593 C "C4'"  . DT B 2 8  ? -9.786  4.275  6.607   1.00 0.80 ? 19 DT B "C4'"  1 
ATOM   594 O "O4'"  . DT B 2 8  ? -8.405  3.883  6.793   1.00 0.71 ? 19 DT B "O4'"  1 
ATOM   595 C "C3'"  . DT B 2 8  ? -10.538 3.968  7.890   1.00 0.78 ? 19 DT B "C3'"  1 
ATOM   596 O "O3'"  . DT B 2 8  ? -11.423 2.861  7.682   1.00 0.86 ? 19 DT B "O3'"  1 
ATOM   597 C "C2'"  . DT B 2 8  ? -9.471  3.643  8.904   1.00 0.66 ? 19 DT B "C2'"  1 
ATOM   598 C "C1'"  . DT B 2 8  ? -8.231  3.294  8.098   1.00 0.63 ? 19 DT B "C1'"  1 
ATOM   599 N N1     . DT B 2 8  ? -6.989  3.788  8.741   1.00 0.54 ? 19 DT B N1     1 
ATOM   600 C C2     . DT B 2 8  ? -5.951  2.881  8.913   1.00 0.52 ? 19 DT B C2     1 
ATOM   601 O O2     . DT B 2 8  ? -6.043  1.704  8.577   1.00 0.55 ? 19 DT B O2     1 
ATOM   602 N N3     . DT B 2 8  ? -4.796  3.380  9.496   1.00 0.49 ? 19 DT B N3     1 
ATOM   603 C C4     . DT B 2 8  ? -4.593  4.680  9.914   1.00 0.49 ? 19 DT B C4     1 
ATOM   604 O O4     . DT B 2 8  ? -3.517  5.016  10.407  1.00 0.52 ? 19 DT B O4     1 
ATOM   605 C C5     . DT B 2 8  ? -5.727  5.551  9.701   1.00 0.51 ? 19 DT B C5     1 
ATOM   606 C C7     . DT B 2 8  ? -5.641  7.014  10.131  1.00 0.54 ? 19 DT B C7     1 
ATOM   607 C C6     . DT B 2 8  ? -6.861  5.094  9.132   1.00 0.54 ? 19 DT B C6     1 
ATOM   608 H "H5'"  . DT B 2 8  ? -9.249  5.954  5.398   1.00 0.84 ? 19 DT B "H5'"  1 
ATOM   609 H "H5''" . DT B 2 8  ? -10.924 5.977  5.969   1.00 0.91 ? 19 DT B "H5''" 1 
ATOM   610 H "H4'"  . DT B 2 8  ? -10.216 3.679  5.801   1.00 0.88 ? 19 DT B "H4'"  1 
ATOM   611 H "H3'"  . DT B 2 8  ? -11.104 4.842  8.211   1.00 0.82 ? 19 DT B "H3'"  1 
ATOM   612 H "H2'"  . DT B 2 8  ? -9.284  4.515  9.529   1.00 0.64 ? 19 DT B "H2'"  1 
ATOM   613 H "H2''" . DT B 2 8  ? -9.771  2.798  9.520   1.00 0.65 ? 19 DT B "H2''" 1 
ATOM   614 H "H1'"  . DT B 2 8  ? -8.172  2.212  7.991   1.00 0.64 ? 19 DT B "H1'"  1 
ATOM   615 H H3     . DT B 2 8  ? -4.036  2.733  9.629   1.00 0.51 ? 19 DT B H3     1 
ATOM   616 H H71    . DT B 2 8  ? -5.485  7.640  9.256   1.00 1.19 ? 19 DT B H71    1 
ATOM   617 H H72    . DT B 2 8  ? -4.810  7.143  10.823  1.00 1.20 ? 19 DT B H72    1 
ATOM   618 H H73    . DT B 2 8  ? -6.571  7.300  10.622  1.00 1.10 ? 19 DT B H73    1 
ATOM   619 H H6     . DT B 2 8  ? -7.693  5.782  8.980   1.00 0.59 ? 19 DT B H6     1 
ATOM   620 P P      . DC B 2 9  ? -12.080 2.066  8.918   1.00 0.84 ? 20 DC B P      1 
ATOM   621 O OP1    . DC B 2 9  ? -13.249 1.306  8.402   1.00 1.46 ? 20 DC B OP1    1 
ATOM   622 O OP2    . DC B 2 9  ? -12.234 3.017  10.056  1.00 1.64 ? 20 DC B OP2    1 
ATOM   623 O "O5'"  . DC B 2 9  ? -10.936 0.998  9.292   1.00 0.76 ? 20 DC B "O5'"  1 
ATOM   624 C "C5'"  . DC B 2 9  ? -10.671 -0.083 8.404   1.00 0.84 ? 20 DC B "C5'"  1 
ATOM   625 C "C4'"  . DC B 2 9  ? -9.889  -1.201 9.091   1.00 0.80 ? 20 DC B "C4'"  1 
ATOM   626 O "O4'"  . DC B 2 9  ? -8.597  -0.719 9.525   1.00 0.73 ? 20 DC B "O4'"  1 
ATOM   627 C "C3'"  . DC B 2 9  ? -10.639 -1.717 10.321  1.00 0.77 ? 20 DC B "C3'"  1 
ATOM   628 O "O3'"  . DC B 2 9  ? -10.724 -3.161 10.281  1.00 0.85 ? 20 DC B "O3'"  1 
ATOM   629 C "C2'"  . DC B 2 9  ? -9.837  -1.210 11.502  1.00 0.66 ? 20 DC B "C2'"  1 
ATOM   630 C "C1'"  . DC B 2 9  ? -8.460  -0.872 10.955  1.00 0.64 ? 20 DC B "C1'"  1 
ATOM   631 N N1     . DC B 2 9  ? -7.881  0.360  11.556  1.00 0.54 ? 20 DC B N1     1 
ATOM   632 C C2     . DC B 2 9  ? -6.559  0.291  11.982  1.00 0.53 ? 20 DC B C2     1 
ATOM   633 O O2     . DC B 2 9  ? -5.953  -0.778 11.957  1.00 0.62 ? 20 DC B O2     1 
ATOM   634 N N3     . DC B 2 9  ? -5.964  1.426  12.441  1.00 0.48 ? 20 DC B N3     1 
ATOM   635 C C4     . DC B 2 9  ? -6.630  2.584  12.489  1.00 0.44 ? 20 DC B C4     1 
ATOM   636 N N4     . DC B 2 9  ? -5.999  3.683  12.908  1.00 0.45 ? 20 DC B N4     1 
ATOM   637 C C5     . DC B 2 9  ? -7.996  2.663  12.068  1.00 0.47 ? 20 DC B C5     1 
ATOM   638 C C6     . DC B 2 9  ? -8.580  1.535  11.609  1.00 0.52 ? 20 DC B C6     1 
ATOM   639 H "H5'"  . DC B 2 9  ? -10.094 0.293  7.557   1.00 0.90 ? 20 DC B "H5'"  1 
ATOM   640 H "H5''" . DC B 2 9  ? -11.618 -0.479 8.042   1.00 0.93 ? 20 DC B "H5''" 1 
ATOM   641 H "H4'"  . DC B 2 9  ? -9.745  -2.018 8.386   1.00 0.90 ? 20 DC B "H4'"  1 
ATOM   642 H "H3'"  . DC B 2 9  ? -11.643 -1.279 10.351  1.00 0.80 ? 20 DC B "H3'"  1 
ATOM   643 H "H2'"  . DC B 2 9  ? -10.311 -0.312 11.909  1.00 0.63 ? 20 DC B "H2'"  1 
ATOM   644 H "H2''" . DC B 2 9  ? -9.764  -1.971 12.276  1.00 0.69 ? 20 DC B "H2''" 1 
ATOM   645 H "H1'"  . DC B 2 9  ? -7.792  -1.710 11.153  1.00 0.69 ? 20 DC B "H1'"  1 
ATOM   646 H H41    . DC B 2 9  ? -5.035  3.630  13.206  1.00 0.48 ? 20 DC B H41    1 
ATOM   647 H H42    . DC B 2 9  ? -6.483  4.569  12.922  1.00 0.47 ? 20 DC B H42    1 
ATOM   648 H H5     . DC B 2 9  ? -8.546  3.603  12.118  1.00 0.51 ? 20 DC B H5     1 
ATOM   649 H H6     . DC B 2 9  ? -9.621  1.560  11.287  1.00 0.59 ? 20 DC B H6     1 
ATOM   650 P P      . DC B 2 10 ? -10.932 -4.050 11.615  1.00 1.44 ? 21 DC B P      1 
ATOM   651 O OP1    . DC B 2 10 ? -11.346 -5.415 11.212  1.00 2.29 ? 21 DC B OP1    1 
ATOM   652 O OP2    . DC B 2 10 ? -11.762 -3.282 12.576  1.00 2.23 ? 21 DC B OP2    1 
ATOM   653 O "O5'"  . DC B 2 10 ? -9.437  -4.136 12.199  1.00 1.29 ? 21 DC B "O5'"  1 
ATOM   654 C "C5'"  . DC B 2 10 ? -8.474  -5.027 11.634  1.00 1.39 ? 21 DC B "C5'"  1 
ATOM   655 C "C4'"  . DC B 2 10 ? -7.417  -5.393 12.665  1.00 1.24 ? 21 DC B "C4'"  1 
ATOM   656 O "O4'"  . DC B 2 10 ? -6.661  -4.222 13.047  1.00 1.01 ? 21 DC B "O4'"  1 
ATOM   657 C "C3'"  . DC B 2 10 ? -8.070  -5.966 13.916  1.00 1.27 ? 21 DC B "C3'"  1 
ATOM   658 O "O3'"  . DC B 2 10 ? -7.543  -7.272 14.210  1.00 1.44 ? 21 DC B "O3'"  1 
ATOM   659 C "C2'"  . DC B 2 10 ? -7.767  -4.981 15.021  1.00 1.06 ? 21 DC B "C2'"  1 
ATOM   660 C "C1'"  . DC B 2 10 ? -6.715  -4.033 14.477  1.00 0.88 ? 21 DC B "C1'"  1 
ATOM   661 N N1     . DC B 2 10 ? -7.027  -2.625 14.816  1.00 0.70 ? 21 DC B N1     1 
ATOM   662 C C2     . DC B 2 10 ? -5.998  -1.851 15.330  1.00 0.59 ? 21 DC B C2     1 
ATOM   663 O O2     . DC B 2 10 ? -4.891  -2.346 15.528  1.00 0.61 ? 21 DC B O2     1 
ATOM   664 N N3     . DC B 2 10 ? -6.253  -0.550 15.626  1.00 0.55 ? 21 DC B N3     1 
ATOM   665 C C4     . DC B 2 10 ? -7.467  -0.022 15.432  1.00 0.58 ? 21 DC B C4     1 
ATOM   666 N N4     . DC B 2 10 ? -7.674  1.260  15.729  1.00 0.65 ? 21 DC B N4     1 
ATOM   667 C C5     . DC B 2 10 ? -8.536  -0.814 14.908  1.00 0.64 ? 21 DC B C5     1 
ATOM   668 C C6     . DC B 2 10 ? -8.275  -2.103 14.614  1.00 0.72 ? 21 DC B C6     1 
ATOM   669 H "H5'"  . DC B 2 10 ? -7.993  -4.541 10.786  1.00 1.46 ? 21 DC B "H5'"  1 
ATOM   670 H "H5''" . DC B 2 10 ? -8.975  -5.934 11.294  1.00 1.61 ? 21 DC B "H5''" 1 
ATOM   671 H "H4'"  . DC B 2 10 ? -6.739  -6.134 12.242  1.00 1.39 ? 21 DC B "H4'"  1 
ATOM   672 H "H3'"  . DC B 2 10 ? -9.151  -6.024 13.771  1.00 1.37 ? 21 DC B "H3'"  1 
ATOM   673 H "H2'"  . DC B 2 10 ? -8.670  -4.428 15.279  1.00 1.03 ? 21 DC B "H2'"  1 
ATOM   674 H "H2''" . DC B 2 10 ? -7.385  -5.496 15.902  1.00 1.12 ? 21 DC B "H2''" 1 
ATOM   675 H "H1'"  . DC B 2 10 ? -5.747  -4.295 14.902  1.00 0.88 ? 21 DC B "H1'"  1 
ATOM   676 H H41    . DC B 2 10 ? -6.918  1.820  16.098  1.00 0.70 ? 21 DC B H41    1 
ATOM   677 H H42    . DC B 2 10 ? -8.585  1.672  15.583  1.00 0.71 ? 21 DC B H42    1 
ATOM   678 H H5     . DC B 2 10 ? -9.530  -0.391 14.761  1.00 0.69 ? 21 DC B H5     1 
ATOM   679 H H6     . DC B 2 10 ? -9.068  -2.735 14.216  1.00 0.83 ? 21 DC B H6     1 
ATOM   680 P P      . DG B 2 11 ? -7.857  -7.998 15.615  1.00 1.59 ? 22 DG B P      1 
ATOM   681 O OP1    . DG B 2 11 ? -7.679  -9.460 15.430  1.00 2.21 ? 22 DG B OP1    1 
ATOM   682 O OP2    . DG B 2 11 ? -9.144  -7.468 16.134  1.00 2.02 ? 22 DG B OP2    1 
ATOM   683 O "O5'"  . DG B 2 11 ? -6.669  -7.448 16.563  1.00 1.53 ? 22 DG B "O5'"  1 
ATOM   684 C "C5'"  . DG B 2 11 ? -5.308  -7.855 16.358  1.00 1.53 ? 22 DG B "C5'"  1 
ATOM   685 C "C4'"  . DG B 2 11 ? -4.449  -7.585 17.590  1.00 1.48 ? 22 DG B "C4'"  1 
ATOM   686 O "O4'"  . DG B 2 11 ? -4.252  -6.167 17.763  1.00 1.24 ? 22 DG B "O4'"  1 
ATOM   687 C "C3'"  . DG B 2 11 ? -5.102  -8.132 18.852  1.00 1.65 ? 22 DG B "C3'"  1 
ATOM   688 O "O3'"  . DG B 2 11 ? -4.182  -8.947 19.581  1.00 1.81 ? 22 DG B "O3'"  1 
ATOM   689 C "C2'"  . DG B 2 11 ? -5.498  -6.925 19.662  1.00 1.51 ? 22 DG B "C2'"  1 
ATOM   690 C "C1'"  . DG B 2 11 ? -4.819  -5.729 19.014  1.00 1.25 ? 22 DG B "C1'"  1 
ATOM   691 N N9     . DG B 2 11 ? -5.767  -4.620 18.792  1.00 1.10 ? 22 DG B N9     1 
ATOM   692 C C8     . DG B 2 11 ? -7.053  -4.640 18.358  1.00 1.14 ? 22 DG B C8     1 
ATOM   693 N N7     . DG B 2 11 ? -7.658  -3.508 18.231  1.00 1.05 ? 22 DG B N7     1 
ATOM   694 C C5     . DG B 2 11 ? -6.666  -2.610 18.631  1.00 0.92 ? 22 DG B C5     1 
ATOM   695 C C6     . DG B 2 11 ? -6.701  -1.195 18.715  1.00 0.86 ? 22 DG B C6     1 
ATOM   696 O O6     . DG B 2 11 ? -7.631  -0.438 18.453  1.00 0.91 ? 22 DG B O6     1 
ATOM   697 N N1     . DG B 2 11 ? -5.491  -0.683 19.162  1.00 0.79 ? 22 DG B N1     1 
ATOM   698 C C2     . DG B 2 11 ? -4.376  -1.432 19.483  1.00 0.77 ? 22 DG B C2     1 
ATOM   699 N N2     . DG B 2 11 ? -3.300  -0.757 19.882  1.00 0.74 ? 22 DG B N2     1 
ATOM   700 N N3     . DG B 2 11 ? -4.335  -2.763 19.405  1.00 0.86 ? 22 DG B N3     1 
ATOM   701 C C4     . DG B 2 11 ? -5.506  -3.285 18.974  1.00 0.94 ? 22 DG B C4     1 
ATOM   702 H "H5'"  . DG B 2 11 ? -4.895  -7.302 15.513  1.00 1.49 ? 22 DG B "H5'"  1 
ATOM   703 H "H5''" . DG B 2 11 ? -5.281  -8.921 16.131  1.00 1.89 ? 22 DG B "H5''" 1 
ATOM   704 H "H4'"  . DG B 2 11 ? -3.478  -8.061 17.459  1.00 1.57 ? 22 DG B "H4'"  1 
ATOM   705 H "H3'"  . DG B 2 11 ? -5.992  -8.710 18.592  1.00 1.78 ? 22 DG B "H3'"  1 
ATOM   706 H "HO3'" . DG B 2 11 ? -3.333  -8.499 19.564  1.00 1.98 ? 22 DG B "HO3'" 1 
ATOM   707 H "H2'"  . DG B 2 11 ? -6.580  -6.800 19.641  1.00 1.54 ? 22 DG B "H2'"  1 
ATOM   708 H "H2''" . DG B 2 11 ? -5.156  -7.035 20.691  1.00 1.61 ? 22 DG B "H2''" 1 
ATOM   709 H "H1'"  . DG B 2 11 ? -4.016  -5.382 19.665  1.00 1.22 ? 22 DG B "H1'"  1 
ATOM   710 H H8     . DG B 2 11 ? -7.554  -5.579 18.120  1.00 1.29 ? 22 DG B H8     1 
ATOM   711 H H1     . DG B 2 11 ? -5.445  0.320  19.247  1.00 0.81 ? 22 DG B H1     1 
ATOM   712 H H21    . DG B 2 11 ? -3.332  0.251  19.946  1.00 0.75 ? 22 DG B H21    1 
ATOM   713 H H22    . DG B 2 11 ? -2.453  -1.253 20.125  1.00 0.76 ? 22 DG B H22    1 
# 
